data_8FAI
#
_entry.id   8FAI
#
_cell.length_a   1.00
_cell.length_b   1.00
_cell.length_c   1.00
_cell.angle_alpha   90.00
_cell.angle_beta   90.00
_cell.angle_gamma   90.00
#
_symmetry.space_group_name_H-M   'P 1'
#
loop_
_entity.id
_entity.type
_entity.pdbx_description
1 polymer 'Protein virB2'
2 non-polymer '(7Z,19R,22S,25R)-22,25,26-trihydroxy-16,22-dioxo-17,21,23-trioxa-22lambda~5~-phosphahexacos-7-en-19-yl (9Z)-octadec-9-enoate'
#
_entity_poly.entity_id   1
_entity_poly.type   'polypeptide(L)'
_entity_poly.pdbx_seq_one_letter_code
;MRCFERYRVHLNRLSLSNAVMRMVSGYAPSVVGAMGWSIFSSGPAAAQSAGGGTDPATMVNNICTFILGPFGQSLAVLGI
VAIGISWMFGRASLGLVAGVVGGIVIMFGASFLGKTLTGGG
;
_entity_poly.pdbx_strand_id   A,B,C,D,E,F,G,H,I,J,K,L,M,N,O
#
# COMPACT_ATOMS: atom_id res chain seq x y z
N GLY A 51 13.62 -26.36 29.14
CA GLY A 51 14.26 -25.12 29.52
C GLY A 51 13.42 -24.26 30.43
N GLY A 52 12.82 -23.21 29.86
CA GLY A 52 11.97 -22.32 30.62
C GLY A 52 10.68 -21.99 29.90
N GLY A 53 10.18 -22.94 29.11
CA GLY A 53 8.96 -22.74 28.36
C GLY A 53 7.70 -22.91 29.19
N THR A 54 6.56 -22.70 28.54
CA THR A 54 5.26 -22.86 29.17
C THR A 54 4.23 -23.15 28.07
N ASP A 55 3.02 -23.45 28.50
CA ASP A 55 1.93 -23.75 27.57
C ASP A 55 1.63 -22.52 26.72
N PRO A 56 1.61 -22.65 25.38
CA PRO A 56 1.07 -21.55 24.57
C PRO A 56 -0.38 -21.22 24.91
N ALA A 57 -1.16 -22.25 25.28
CA ALA A 57 -2.55 -22.02 25.69
C ALA A 57 -2.61 -21.17 26.96
N THR A 58 -1.68 -21.42 27.90
CA THR A 58 -1.63 -20.61 29.11
C THR A 58 -1.33 -19.15 28.79
N MET A 59 -0.39 -18.91 27.89
CA MET A 59 -0.04 -17.53 27.54
C MET A 59 -1.22 -16.79 26.92
N VAL A 60 -1.91 -17.42 25.98
CA VAL A 60 -3.06 -16.77 25.37
C VAL A 60 -4.17 -16.57 26.40
N ASN A 61 -4.32 -17.53 27.31
CA ASN A 61 -5.23 -17.35 28.44
C ASN A 61 -4.79 -16.24 29.38
N ASN A 62 -3.48 -16.04 29.55
CA ASN A 62 -2.99 -14.92 30.34
C ASN A 62 -3.36 -13.59 29.70
N ILE A 63 -3.28 -13.52 28.37
CA ILE A 63 -3.68 -12.30 27.67
C ILE A 63 -5.16 -12.04 27.87
N CYS A 64 -5.96 -13.10 27.78
CA CYS A 64 -7.40 -12.97 28.05
C CYS A 64 -7.65 -12.51 29.48
N THR A 65 -6.88 -13.06 30.43
CA THR A 65 -7.03 -12.66 31.83
C THR A 65 -6.64 -11.20 32.04
N PHE A 66 -5.54 -10.77 31.42
CA PHE A 66 -5.05 -9.41 31.66
C PHE A 66 -5.98 -8.37 31.07
N ILE A 67 -6.45 -8.59 29.84
CA ILE A 67 -7.27 -7.59 29.17
C ILE A 67 -8.62 -7.46 29.85
N LEU A 68 -9.13 -8.55 30.43
CA LEU A 68 -10.43 -8.56 31.09
C LEU A 68 -10.33 -8.29 32.59
N GLY A 69 -9.14 -7.98 33.09
CA GLY A 69 -8.96 -7.69 34.49
C GLY A 69 -9.11 -6.22 34.80
N PRO A 70 -8.36 -5.73 35.79
CA PRO A 70 -8.40 -4.29 36.12
C PRO A 70 -8.03 -3.39 34.96
N PHE A 71 -7.15 -3.87 34.07
CA PHE A 71 -6.77 -3.09 32.90
C PHE A 71 -7.97 -2.83 31.99
N GLY A 72 -8.81 -3.86 31.81
CA GLY A 72 -10.01 -3.66 31.01
C GLY A 72 -11.01 -2.73 31.67
N GLN A 73 -11.13 -2.79 33.00
CA GLN A 73 -12.01 -1.88 33.70
C GLN A 73 -11.58 -0.44 33.50
N SER A 74 -10.26 -0.18 33.59
CA SER A 74 -9.76 1.17 33.34
C SER A 74 -9.99 1.59 31.90
N LEU A 75 -9.82 0.64 30.95
CA LEU A 75 -10.13 0.94 29.56
C LEU A 75 -11.60 1.28 29.39
N ALA A 76 -12.48 0.53 30.07
CA ALA A 76 -13.91 0.80 29.97
C ALA A 76 -14.24 2.20 30.47
N VAL A 77 -13.57 2.65 31.53
CA VAL A 77 -13.79 4.01 32.02
C VAL A 77 -13.37 5.02 30.96
N LEU A 78 -12.21 4.81 30.34
CA LEU A 78 -11.74 5.75 29.33
C LEU A 78 -12.63 5.75 28.09
N GLY A 79 -13.22 4.61 27.76
CA GLY A 79 -14.18 4.57 26.67
C GLY A 79 -15.40 5.42 26.94
N ILE A 80 -15.91 5.37 28.18
CA ILE A 80 -17.04 6.21 28.55
C ILE A 80 -16.61 7.68 28.61
N VAL A 81 -15.36 7.93 29.00
CA VAL A 81 -14.83 9.29 28.95
C VAL A 81 -14.83 9.80 27.52
N ALA A 82 -14.36 8.97 26.58
CA ALA A 82 -14.26 9.40 25.18
C ALA A 82 -15.62 9.72 24.60
N ILE A 83 -16.62 8.88 24.87
CA ILE A 83 -17.96 9.13 24.34
C ILE A 83 -18.57 10.37 24.98
N GLY A 84 -18.26 10.60 26.26
CA GLY A 84 -18.76 11.81 26.90
C GLY A 84 -18.20 13.08 26.28
N ILE A 85 -16.90 13.07 25.98
CA ILE A 85 -16.27 14.23 25.35
C ILE A 85 -16.78 14.42 23.93
N SER A 86 -17.02 13.33 23.20
CA SER A 86 -17.52 13.44 21.83
C SER A 86 -18.89 14.10 21.79
N TRP A 87 -19.77 13.72 22.71
CA TRP A 87 -21.04 14.44 22.89
C TRP A 87 -20.78 15.88 23.32
N MET A 88 -19.78 16.08 24.17
CA MET A 88 -19.53 17.35 24.84
C MET A 88 -19.11 18.45 23.86
N PHE A 89 -18.02 18.22 23.13
CA PHE A 89 -17.49 19.20 22.18
C PHE A 89 -17.88 18.90 20.74
N GLY A 90 -18.88 18.03 20.54
CA GLY A 90 -19.41 17.79 19.22
C GLY A 90 -20.92 17.91 19.24
N ARG A 91 -21.63 16.93 18.70
CA ARG A 91 -23.08 16.90 18.79
C ARG A 91 -23.53 15.47 19.08
N ALA A 92 -24.44 15.35 20.04
CA ALA A 92 -24.85 14.04 20.55
C ALA A 92 -25.51 13.21 19.45
N SER A 93 -25.25 11.90 19.50
CA SER A 93 -25.82 10.97 18.54
C SER A 93 -25.97 9.61 19.20
N LEU A 94 -27.05 8.90 18.84
CA LEU A 94 -27.29 7.58 19.41
C LEU A 94 -26.33 6.54 18.83
N GLY A 95 -25.90 6.74 17.59
CA GLY A 95 -25.01 5.77 16.97
C GLY A 95 -23.67 5.65 17.67
N LEU A 96 -23.10 6.79 18.10
CA LEU A 96 -21.78 6.77 18.70
C LEU A 96 -21.79 6.12 20.07
N VAL A 97 -22.81 6.40 20.88
CA VAL A 97 -22.90 5.76 22.19
C VAL A 97 -23.17 4.27 22.04
N ALA A 98 -23.95 3.90 21.02
CA ALA A 98 -24.19 2.49 20.75
C ALA A 98 -22.91 1.76 20.37
N GLY A 99 -22.07 2.40 19.57
CA GLY A 99 -20.81 1.78 19.18
C GLY A 99 -19.87 1.59 20.35
N VAL A 100 -19.72 2.63 21.18
CA VAL A 100 -18.79 2.55 22.31
C VAL A 100 -19.28 1.56 23.35
N VAL A 101 -20.56 1.64 23.72
CA VAL A 101 -21.12 0.72 24.71
C VAL A 101 -21.12 -0.70 24.16
N GLY A 102 -21.51 -0.86 22.89
CA GLY A 102 -21.45 -2.18 22.28
C GLY A 102 -20.06 -2.76 22.23
N GLY A 103 -19.05 -1.91 21.98
CA GLY A 103 -17.68 -2.40 22.00
C GLY A 103 -17.26 -2.90 23.37
N ILE A 104 -17.68 -2.19 24.42
CA ILE A 104 -17.38 -2.63 25.78
C ILE A 104 -18.07 -3.95 26.08
N VAL A 105 -19.33 -4.09 25.67
CA VAL A 105 -20.06 -5.32 25.90
C VAL A 105 -19.41 -6.48 25.16
N ILE A 106 -19.03 -6.24 23.91
CA ILE A 106 -18.39 -7.29 23.11
C ILE A 106 -17.04 -7.67 23.70
N MET A 107 -16.26 -6.68 24.13
CA MET A 107 -14.89 -6.95 24.56
C MET A 107 -14.85 -7.72 25.88
N PHE A 108 -15.71 -7.34 26.85
CA PHE A 108 -15.76 -8.10 28.09
C PHE A 108 -16.53 -9.41 27.97
N GLY A 109 -17.40 -9.53 26.97
CA GLY A 109 -18.11 -10.78 26.73
C GLY A 109 -17.39 -11.74 25.82
N ALA A 110 -16.10 -11.49 25.55
CA ALA A 110 -15.37 -12.25 24.55
C ALA A 110 -15.29 -13.73 24.91
N SER A 111 -15.06 -14.05 26.18
CA SER A 111 -14.99 -15.45 26.60
C SER A 111 -16.33 -16.14 26.37
N PHE A 112 -17.42 -15.48 26.75
CA PHE A 112 -18.74 -16.10 26.64
C PHE A 112 -19.22 -16.10 25.20
N LEU A 113 -18.93 -15.04 24.46
CA LEU A 113 -19.23 -15.01 23.04
C LEU A 113 -18.47 -16.09 22.29
N GLY A 114 -17.22 -16.32 22.67
CA GLY A 114 -16.44 -17.39 22.07
C GLY A 114 -16.98 -18.76 22.42
N LYS A 115 -17.44 -18.94 23.67
CA LYS A 115 -18.03 -20.22 24.06
C LYS A 115 -19.30 -20.51 23.26
N THR A 116 -20.13 -19.49 23.05
CA THR A 116 -21.33 -19.67 22.24
C THR A 116 -20.98 -20.03 20.80
N LEU A 117 -19.92 -19.45 20.26
CA LEU A 117 -19.46 -19.83 18.93
C LEU A 117 -18.85 -21.23 18.92
N THR A 118 -18.51 -21.76 20.09
CA THR A 118 -17.88 -23.07 20.24
C THR A 118 -16.59 -23.18 19.43
N GLY B 51 -3.78 -40.70 -7.63
CA GLY B 51 -3.65 -40.67 -6.18
C GLY B 51 -4.98 -40.49 -5.46
N GLY B 52 -5.22 -39.28 -4.99
CA GLY B 52 -6.46 -38.97 -4.30
C GLY B 52 -7.08 -37.67 -4.76
N GLY B 53 -6.88 -37.33 -6.03
CA GLY B 53 -7.41 -36.10 -6.58
C GLY B 53 -8.89 -36.19 -6.94
N THR B 54 -9.40 -35.06 -7.42
CA THR B 54 -10.79 -34.96 -7.86
C THR B 54 -10.91 -33.83 -8.87
N ASP B 55 -12.08 -33.71 -9.45
CA ASP B 55 -12.33 -32.66 -10.43
C ASP B 55 -12.20 -31.29 -9.79
N PRO B 56 -11.40 -30.38 -10.35
CA PRO B 56 -11.46 -28.98 -9.89
C PRO B 56 -12.85 -28.38 -10.06
N ALA B 57 -13.56 -28.77 -11.11
CA ALA B 57 -14.93 -28.29 -11.32
C ALA B 57 -15.84 -28.76 -10.20
N THR B 58 -15.65 -30.00 -9.74
CA THR B 58 -16.45 -30.50 -8.62
C THR B 58 -16.19 -29.69 -7.35
N MET B 59 -14.94 -29.36 -7.08
CA MET B 59 -14.61 -28.60 -5.87
C MET B 59 -15.25 -27.22 -5.90
N VAL B 60 -15.16 -26.52 -7.04
CA VAL B 60 -15.76 -25.19 -7.12
C VAL B 60 -17.28 -25.31 -7.04
N ASN B 61 -17.84 -26.37 -7.62
CA ASN B 61 -19.26 -26.66 -7.45
C ASN B 61 -19.62 -27.00 -6.01
N ASN B 62 -18.71 -27.65 -5.27
CA ASN B 62 -18.95 -27.90 -3.85
C ASN B 62 -19.01 -26.60 -3.07
N ILE B 63 -18.15 -25.65 -3.41
CA ILE B 63 -18.18 -24.33 -2.75
C ILE B 63 -19.50 -23.64 -3.04
N CYS B 64 -19.96 -23.72 -4.30
CA CYS B 64 -21.26 -23.16 -4.65
C CYS B 64 -22.38 -23.84 -3.87
N THR B 65 -22.29 -25.17 -3.73
CA THR B 65 -23.30 -25.91 -2.98
C THR B 65 -23.29 -25.52 -1.50
N PHE B 66 -22.11 -25.38 -0.92
CA PHE B 66 -22.02 -25.12 0.53
C PHE B 66 -22.53 -23.73 0.86
N ILE B 67 -22.12 -22.72 0.08
CA ILE B 67 -22.48 -21.34 0.40
C ILE B 67 -23.98 -21.12 0.20
N LEU B 68 -24.59 -21.84 -0.73
CA LEU B 68 -26.01 -21.69 -1.02
C LEU B 68 -26.87 -22.69 -0.26
N GLY B 69 -26.28 -23.48 0.64
CA GLY B 69 -27.03 -24.43 1.43
C GLY B 69 -27.51 -23.85 2.74
N PRO B 70 -27.57 -24.68 3.78
CA PRO B 70 -27.98 -24.17 5.10
C PRO B 70 -27.09 -23.07 5.64
N PHE B 71 -25.80 -23.09 5.27
CA PHE B 71 -24.88 -22.04 5.70
C PHE B 71 -25.31 -20.68 5.15
N GLY B 72 -25.74 -20.65 3.88
CA GLY B 72 -26.22 -19.40 3.31
C GLY B 72 -27.52 -18.94 3.95
N GLN B 73 -28.41 -19.87 4.29
CA GLN B 73 -29.64 -19.50 4.97
C GLN B 73 -29.35 -18.84 6.32
N SER B 74 -28.40 -19.41 7.07
CA SER B 74 -28.02 -18.80 8.34
C SER B 74 -27.37 -17.44 8.12
N LEU B 75 -26.56 -17.31 7.07
CA LEU B 75 -26.00 -16.01 6.73
C LEU B 75 -27.09 -15.00 6.39
N ALA B 76 -28.10 -15.45 5.64
CA ALA B 76 -29.20 -14.56 5.28
C ALA B 76 -29.92 -14.05 6.53
N VAL B 77 -30.10 -14.92 7.52
CA VAL B 77 -30.73 -14.50 8.77
C VAL B 77 -29.88 -13.44 9.45
N LEU B 78 -28.57 -13.64 9.51
CA LEU B 78 -27.70 -12.67 10.17
C LEU B 78 -27.65 -11.35 9.41
N GLY B 79 -27.78 -11.40 8.08
CA GLY B 79 -27.86 -10.16 7.32
C GLY B 79 -29.09 -9.35 7.66
N ILE B 80 -30.23 -10.02 7.83
CA ILE B 80 -31.45 -9.33 8.24
C ILE B 80 -31.32 -8.85 9.69
N VAL B 81 -30.61 -9.61 10.53
CA VAL B 81 -30.32 -9.15 11.88
C VAL B 81 -29.51 -7.86 11.83
N ALA B 82 -28.48 -7.82 10.99
CA ALA B 82 -27.61 -6.65 10.94
C ALA B 82 -28.36 -5.41 10.49
N ILE B 83 -29.21 -5.55 9.46
CA ILE B 83 -29.97 -4.41 8.98
C ILE B 83 -30.99 -3.95 10.02
N GLY B 84 -31.55 -4.91 10.78
CA GLY B 84 -32.47 -4.54 11.84
C GLY B 84 -31.81 -3.72 12.93
N ILE B 85 -30.60 -4.13 13.33
CA ILE B 85 -29.87 -3.39 14.36
C ILE B 85 -29.43 -2.03 13.85
N SER B 86 -29.04 -1.93 12.58
CA SER B 86 -28.62 -0.65 12.02
C SER B 86 -29.76 0.36 12.04
N TRP B 87 -30.96 -0.07 11.67
CA TRP B 87 -32.15 0.77 11.87
C TRP B 87 -32.38 1.05 13.34
N MET B 88 -32.14 0.06 14.19
CA MET B 88 -32.50 0.09 15.60
C MET B 88 -31.71 1.14 16.37
N PHE B 89 -30.38 1.03 16.36
CA PHE B 89 -29.51 1.94 17.10
C PHE B 89 -28.90 3.02 16.21
N GLY B 90 -29.46 3.21 15.01
CA GLY B 90 -29.06 4.30 14.14
C GLY B 90 -30.26 5.08 13.68
N ARG B 91 -30.37 5.32 12.37
CA ARG B 91 -31.56 5.94 11.81
C ARG B 91 -31.93 5.22 10.52
N ALA B 92 -33.21 4.92 10.37
CA ALA B 92 -33.68 4.10 9.25
C ALA B 92 -33.43 4.79 7.92
N SER B 93 -33.10 3.97 6.91
CA SER B 93 -32.85 4.49 5.57
C SER B 93 -33.22 3.40 4.56
N LEU B 94 -33.76 3.82 3.41
CA LEU B 94 -34.13 2.87 2.38
C LEU B 94 -32.90 2.31 1.66
N GLY B 95 -31.83 3.10 1.59
CA GLY B 95 -30.64 2.64 0.90
C GLY B 95 -30.00 1.43 1.55
N LEU B 96 -29.95 1.41 2.88
CA LEU B 96 -29.26 0.34 3.59
C LEU B 96 -30.03 -0.98 3.47
N VAL B 97 -31.36 -0.93 3.60
CA VAL B 97 -32.15 -2.15 3.45
C VAL B 97 -32.08 -2.66 2.02
N ALA B 98 -32.04 -1.73 1.05
CA ALA B 98 -31.90 -2.13 -0.34
C ALA B 98 -30.57 -2.83 -0.59
N GLY B 99 -29.50 -2.32 0.03
CA GLY B 99 -28.20 -2.96 -0.16
C GLY B 99 -28.15 -4.36 0.45
N VAL B 100 -28.66 -4.51 1.66
CA VAL B 100 -28.60 -5.80 2.34
C VAL B 100 -29.50 -6.82 1.63
N VAL B 101 -30.74 -6.43 1.34
CA VAL B 101 -31.66 -7.33 0.66
C VAL B 101 -31.17 -7.65 -0.75
N GLY B 102 -30.68 -6.63 -1.46
CA GLY B 102 -30.11 -6.87 -2.77
C GLY B 102 -28.92 -7.79 -2.75
N GLY B 103 -28.08 -7.67 -1.72
CA GLY B 103 -26.94 -8.58 -1.58
C GLY B 103 -27.39 -10.02 -1.40
N ILE B 104 -28.44 -10.23 -0.59
CA ILE B 104 -28.97 -11.58 -0.40
C ILE B 104 -29.53 -12.11 -1.71
N VAL B 105 -30.27 -11.29 -2.46
CA VAL B 105 -30.84 -11.72 -3.73
C VAL B 105 -29.73 -12.06 -4.72
N ILE B 106 -28.70 -11.23 -4.78
CA ILE B 106 -27.59 -11.48 -5.69
C ILE B 106 -26.84 -12.75 -5.30
N MET B 107 -26.61 -12.94 -4.00
CA MET B 107 -25.75 -14.04 -3.55
C MET B 107 -26.44 -15.40 -3.76
N PHE B 108 -27.74 -15.49 -3.45
CA PHE B 108 -28.45 -16.74 -3.70
C PHE B 108 -28.82 -16.93 -5.17
N GLY B 109 -28.89 -15.87 -5.95
CA GLY B 109 -29.15 -15.97 -7.38
C GLY B 109 -27.91 -16.13 -8.22
N ALA B 110 -26.76 -16.44 -7.60
CA ALA B 110 -25.50 -16.44 -8.31
C ALA B 110 -25.47 -17.48 -9.42
N SER B 111 -26.02 -18.67 -9.17
CA SER B 111 -26.05 -19.70 -10.21
C SER B 111 -26.88 -19.23 -11.41
N PHE B 112 -28.05 -18.66 -11.14
CA PHE B 112 -28.95 -18.25 -12.22
C PHE B 112 -28.45 -16.98 -12.89
N LEU B 113 -27.89 -16.05 -12.10
CA LEU B 113 -27.28 -14.86 -12.68
C LEU B 113 -26.10 -15.23 -13.56
N GLY B 114 -25.31 -16.23 -13.13
CA GLY B 114 -24.21 -16.69 -13.96
C GLY B 114 -24.68 -17.37 -15.23
N LYS B 115 -25.78 -18.14 -15.14
CA LYS B 115 -26.33 -18.78 -16.34
C LYS B 115 -26.81 -17.74 -17.34
N THR B 116 -27.46 -16.67 -16.86
CA THR B 116 -27.89 -15.61 -17.76
C THR B 116 -26.69 -14.92 -18.42
N LEU B 117 -25.60 -14.74 -17.68
CA LEU B 117 -24.39 -14.19 -18.27
C LEU B 117 -23.73 -15.17 -19.24
N THR B 118 -24.11 -16.44 -19.17
CA THR B 118 -23.55 -17.51 -20.00
C THR B 118 -22.03 -17.60 -19.86
N GLY C 51 6.54 -12.95 -38.96
CA GLY C 51 5.76 -14.04 -38.41
C GLY C 51 4.27 -13.83 -38.53
N GLY C 52 3.64 -13.44 -37.42
CA GLY C 52 2.21 -13.20 -37.42
C GLY C 52 1.84 -11.92 -36.69
N GLY C 53 2.73 -10.93 -36.75
CA GLY C 53 2.50 -9.67 -36.07
C GLY C 53 1.57 -8.74 -36.84
N THR C 54 1.32 -7.58 -36.25
CA THR C 54 0.48 -6.55 -36.84
C THR C 54 0.86 -5.21 -36.25
N ASP C 55 0.28 -4.16 -36.80
CA ASP C 55 0.55 -2.81 -36.32
C ASP C 55 0.10 -2.65 -34.88
N PRO C 56 0.96 -2.18 -33.98
CA PRO C 56 0.47 -1.78 -32.65
C PRO C 56 -0.59 -0.69 -32.72
N ALA C 57 -0.47 0.21 -33.69
CA ALA C 57 -1.47 1.26 -33.87
C ALA C 57 -2.82 0.65 -34.26
N THR C 58 -2.80 -0.39 -35.09
CA THR C 58 -4.04 -1.06 -35.46
C THR C 58 -4.70 -1.69 -34.25
N MET C 59 -3.92 -2.34 -33.39
CA MET C 59 -4.49 -2.98 -32.20
C MET C 59 -5.14 -1.96 -31.27
N VAL C 60 -4.47 -0.85 -31.01
CA VAL C 60 -5.05 0.17 -30.13
C VAL C 60 -6.28 0.78 -30.80
N ASN C 61 -6.24 0.94 -32.12
CA ASN C 61 -7.42 1.36 -32.87
C ASN C 61 -8.54 0.31 -32.82
N ASN C 62 -8.20 -0.98 -32.78
CA ASN C 62 -9.21 -2.01 -32.62
C ASN C 62 -9.89 -1.90 -31.25
N ILE C 63 -9.11 -1.58 -30.21
CA ILE C 63 -9.70 -1.39 -28.89
C ILE C 63 -10.64 -0.20 -28.90
N CYS C 64 -10.23 0.88 -29.56
CA CYS C 64 -11.11 2.03 -29.70
C CYS C 64 -12.38 1.68 -30.46
N THR C 65 -12.24 0.87 -31.53
CA THR C 65 -13.39 0.44 -32.30
C THR C 65 -14.34 -0.44 -31.48
N PHE C 66 -13.78 -1.36 -30.69
CA PHE C 66 -14.61 -2.30 -29.96
C PHE C 66 -15.38 -1.61 -28.84
N ILE C 67 -14.71 -0.75 -28.09
CA ILE C 67 -15.35 -0.12 -26.94
C ILE C 67 -16.44 0.85 -27.40
N LEU C 68 -16.26 1.47 -28.56
CA LEU C 68 -17.22 2.42 -29.08
C LEU C 68 -18.24 1.79 -30.02
N GLY C 69 -18.23 0.47 -30.16
CA GLY C 69 -19.18 -0.22 -31.01
C GLY C 69 -20.42 -0.65 -30.25
N PRO C 70 -21.00 -1.77 -30.64
CA PRO C 70 -22.18 -2.28 -29.93
C PRO C 70 -21.94 -2.54 -28.46
N PHE C 71 -20.71 -2.91 -28.09
CA PHE C 71 -20.37 -3.13 -26.70
C PHE C 71 -20.54 -1.85 -25.88
N GLY C 72 -20.11 -0.72 -26.44
CA GLY C 72 -20.30 0.54 -25.75
C GLY C 72 -21.75 0.95 -25.64
N GLN C 73 -22.55 0.66 -26.67
CA GLN C 73 -23.97 0.94 -26.61
C GLN C 73 -24.64 0.15 -25.49
N SER C 74 -24.29 -1.13 -25.35
CA SER C 74 -24.83 -1.92 -24.26
C SER C 74 -24.35 -1.40 -22.90
N LEU C 75 -23.08 -0.97 -22.83
CA LEU C 75 -22.59 -0.34 -21.60
C LEU C 75 -23.37 0.92 -21.28
N ALA C 76 -23.66 1.73 -22.31
CA ALA C 76 -24.41 2.96 -22.10
C ALA C 76 -25.79 2.67 -21.52
N VAL C 77 -26.43 1.60 -22.01
CA VAL C 77 -27.73 1.21 -21.47
C VAL C 77 -27.61 0.84 -20.00
N LEU C 78 -26.58 0.06 -19.64
CA LEU C 78 -26.41 -0.34 -18.24
C LEU C 78 -26.08 0.84 -17.35
N GLY C 79 -25.37 1.83 -17.89
CA GLY C 79 -25.12 3.04 -17.11
C GLY C 79 -26.39 3.78 -16.77
N ILE C 80 -27.31 3.88 -17.74
CA ILE C 80 -28.60 4.51 -17.49
C ILE C 80 -29.44 3.64 -16.54
N VAL C 81 -29.29 2.32 -16.64
CA VAL C 81 -29.94 1.44 -15.67
C VAL C 81 -29.43 1.72 -14.27
N ALA C 82 -28.11 1.84 -14.11
CA ALA C 82 -27.54 2.05 -12.78
C ALA C 82 -28.00 3.36 -12.16
N ILE C 83 -28.04 4.44 -12.96
CA ILE C 83 -28.48 5.72 -12.43
C ILE C 83 -29.97 5.68 -12.09
N GLY C 84 -30.75 4.94 -12.87
CA GLY C 84 -32.16 4.80 -12.56
C GLY C 84 -32.40 4.09 -11.24
N ILE C 85 -31.64 3.02 -10.99
CA ILE C 85 -31.78 2.29 -9.73
C ILE C 85 -31.29 3.13 -8.56
N SER C 86 -30.22 3.91 -8.74
CA SER C 86 -29.71 4.74 -7.67
C SER C 86 -30.74 5.78 -7.24
N TRP C 87 -31.41 6.41 -8.20
CA TRP C 87 -32.56 7.25 -7.87
C TRP C 87 -33.67 6.45 -7.23
N MET C 88 -33.88 5.22 -7.70
CA MET C 88 -35.01 4.39 -7.34
C MET C 88 -34.99 3.98 -5.88
N PHE C 89 -33.93 3.30 -5.46
CA PHE C 89 -33.80 2.80 -4.10
C PHE C 89 -32.91 3.69 -3.23
N GLY C 90 -32.65 4.91 -3.68
CA GLY C 90 -31.93 5.89 -2.87
C GLY C 90 -32.69 7.20 -2.83
N ARG C 91 -32.02 8.31 -3.10
CA ARG C 91 -32.69 9.59 -3.22
C ARG C 91 -32.11 10.34 -4.41
N ALA C 92 -32.99 10.91 -5.23
CA ALA C 92 -32.58 11.54 -6.47
C ALA C 92 -31.66 12.73 -6.23
N SER C 93 -30.69 12.90 -7.15
CA SER C 93 -29.75 13.99 -7.06
C SER C 93 -29.29 14.36 -8.46
N LEU C 94 -29.07 15.65 -8.70
CA LEU C 94 -28.62 16.11 -10.01
C LEU C 94 -27.16 15.75 -10.24
N GLY C 95 -26.37 15.68 -9.18
CA GLY C 95 -24.95 15.39 -9.34
C GLY C 95 -24.71 14.00 -9.92
N LEU C 96 -25.47 13.00 -9.46
CA LEU C 96 -25.22 11.64 -9.89
C LEU C 96 -25.60 11.43 -11.35
N VAL C 97 -26.73 11.99 -11.79
CA VAL C 97 -27.11 11.88 -13.19
C VAL C 97 -26.13 12.63 -14.08
N ALA C 98 -25.63 13.77 -13.59
CA ALA C 98 -24.62 14.51 -14.34
C ALA C 98 -23.34 13.70 -14.51
N GLY C 99 -22.93 13.00 -13.46
CA GLY C 99 -21.72 12.18 -13.55
C GLY C 99 -21.87 11.03 -14.53
N VAL C 100 -23.00 10.32 -14.45
CA VAL C 100 -23.21 9.16 -15.32
C VAL C 100 -23.36 9.59 -16.77
N VAL C 101 -24.21 10.60 -17.02
CA VAL C 101 -24.42 11.08 -18.38
C VAL C 101 -23.14 11.71 -18.93
N GLY C 102 -22.44 12.49 -18.10
CA GLY C 102 -21.16 13.05 -18.53
C GLY C 102 -20.13 11.99 -18.84
N GLY C 103 -20.11 10.91 -18.07
CA GLY C 103 -19.20 9.82 -18.38
C GLY C 103 -19.48 9.17 -19.71
N ILE C 104 -20.77 9.00 -20.03
CA ILE C 104 -21.14 8.44 -21.34
C ILE C 104 -20.73 9.39 -22.45
N VAL C 105 -20.95 10.69 -22.27
CA VAL C 105 -20.58 11.67 -23.29
C VAL C 105 -19.07 11.68 -23.49
N ILE C 106 -18.32 11.64 -22.39
CA ILE C 106 -16.86 11.64 -22.48
C ILE C 106 -16.36 10.37 -23.15
N MET C 107 -16.94 9.23 -22.79
CA MET C 107 -16.41 7.94 -23.25
C MET C 107 -16.65 7.75 -24.75
N PHE C 108 -17.85 8.10 -25.24
CA PHE C 108 -18.11 8.00 -26.67
C PHE C 108 -17.49 9.14 -27.46
N GLY C 109 -17.20 10.28 -26.84
CA GLY C 109 -16.53 11.37 -27.50
C GLY C 109 -15.03 11.31 -27.45
N ALA C 110 -14.46 10.15 -27.06
CA ALA C 110 -13.04 10.06 -26.81
C ALA C 110 -12.22 10.34 -28.06
N SER C 111 -12.65 9.83 -29.21
CA SER C 111 -11.92 10.08 -30.45
C SER C 111 -11.91 11.57 -30.77
N PHE C 112 -13.06 12.22 -30.64
CA PHE C 112 -13.16 13.64 -31.01
C PHE C 112 -12.52 14.51 -29.94
N LEU C 113 -12.67 14.14 -28.67
CA LEU C 113 -11.98 14.86 -27.60
C LEU C 113 -10.47 14.74 -27.75
N GLY C 114 -9.99 13.56 -28.16
CA GLY C 114 -8.57 13.40 -28.41
C GLY C 114 -8.09 14.20 -29.59
N LYS C 115 -8.90 14.28 -30.65
CA LYS C 115 -8.54 15.09 -31.80
C LYS C 115 -8.43 16.57 -31.44
N THR C 116 -9.36 17.06 -30.62
CA THR C 116 -9.29 18.45 -30.17
C THR C 116 -8.03 18.70 -29.34
N LEU C 117 -7.64 17.72 -28.51
CA LEU C 117 -6.39 17.85 -27.76
C LEU C 117 -5.18 17.73 -28.68
N THR C 118 -5.36 17.23 -29.89
CA THR C 118 -4.29 17.03 -30.87
C THR C 118 -3.17 16.16 -30.31
N GLY D 51 30.32 18.55 -21.59
CA GLY D 51 29.50 17.97 -22.64
C GLY D 51 28.37 18.88 -23.09
N GLY D 52 27.16 18.57 -22.62
CA GLY D 52 26.00 19.37 -22.96
C GLY D 52 25.12 19.67 -21.77
N GLY D 53 25.74 19.78 -20.59
CA GLY D 53 24.99 20.03 -19.37
C GLY D 53 24.62 21.49 -19.19
N THR D 54 23.92 21.76 -18.10
CA THR D 54 23.50 23.10 -17.74
C THR D 54 23.28 23.17 -16.24
N ASP D 55 23.02 24.36 -15.74
CA ASP D 55 22.79 24.56 -14.32
C ASP D 55 21.53 23.81 -13.88
N PRO D 56 21.62 22.99 -12.84
CA PRO D 56 20.37 22.46 -12.25
C PRO D 56 19.45 23.56 -11.74
N ALA D 57 20.03 24.65 -11.24
CA ALA D 57 19.22 25.79 -10.80
C ALA D 57 18.47 26.41 -11.97
N THR D 58 19.12 26.49 -13.14
CA THR D 58 18.45 27.01 -14.33
C THR D 58 17.26 26.14 -14.72
N MET D 59 17.43 24.82 -14.68
CA MET D 59 16.34 23.92 -15.05
C MET D 59 15.15 24.07 -14.13
N VAL D 60 15.39 24.11 -12.81
CA VAL D 60 14.28 24.27 -11.89
C VAL D 60 13.63 25.64 -12.06
N ASN D 61 14.45 26.66 -12.35
CA ASN D 61 13.92 27.97 -12.70
C ASN D 61 13.14 27.95 -14.01
N ASN D 62 13.54 27.12 -14.96
CA ASN D 62 12.77 26.97 -16.19
C ASN D 62 11.40 26.37 -15.90
N ILE D 63 11.33 25.40 -14.99
CA ILE D 63 10.05 24.83 -14.62
C ILE D 63 9.17 25.87 -13.96
N CYS D 64 9.77 26.70 -13.09
CA CYS D 64 9.02 27.80 -12.48
C CYS D 64 8.53 28.77 -13.54
N THR D 65 9.38 29.07 -14.53
CA THR D 65 8.99 29.98 -15.61
C THR D 65 7.86 29.39 -16.45
N PHE D 66 7.93 28.10 -16.77
CA PHE D 66 6.94 27.50 -17.66
C PHE D 66 5.58 27.41 -16.99
N ILE D 67 5.55 26.97 -15.73
CA ILE D 67 4.27 26.76 -15.06
C ILE D 67 3.58 28.09 -14.80
N LEU D 68 4.34 29.16 -14.59
CA LEU D 68 3.79 30.48 -14.31
C LEU D 68 3.63 31.33 -15.57
N GLY D 69 3.89 30.77 -16.75
CA GLY D 69 3.74 31.49 -17.98
C GLY D 69 2.36 31.33 -18.58
N PRO D 70 2.27 31.34 -19.92
CA PRO D 70 0.97 31.13 -20.57
C PRO D 70 0.30 29.81 -20.21
N PHE D 71 1.10 28.79 -19.93
CA PHE D 71 0.54 27.50 -19.51
C PHE D 71 -0.24 27.62 -18.22
N GLY D 72 0.30 28.39 -17.26
CA GLY D 72 -0.42 28.61 -16.02
C GLY D 72 -1.68 29.43 -16.20
N GLN D 73 -1.64 30.42 -17.10
CA GLN D 73 -2.83 31.20 -17.39
C GLN D 73 -3.95 30.31 -17.95
N SER D 74 -3.60 29.40 -18.86
CA SER D 74 -4.59 28.48 -19.40
C SER D 74 -5.10 27.53 -18.31
N LEU D 75 -4.20 27.09 -17.43
CA LEU D 75 -4.63 26.27 -16.29
C LEU D 75 -5.59 27.05 -15.40
N ALA D 76 -5.29 28.33 -15.14
CA ALA D 76 -6.16 29.15 -14.32
C ALA D 76 -7.55 29.26 -14.92
N VAL D 77 -7.64 29.38 -16.25
CA VAL D 77 -8.94 29.42 -16.91
C VAL D 77 -9.69 28.12 -16.68
N LEU D 78 -9.00 26.98 -16.83
CA LEU D 78 -9.67 25.69 -16.65
C LEU D 78 -10.09 25.48 -15.21
N GLY D 79 -9.33 26.01 -14.26
CA GLY D 79 -9.75 25.93 -12.87
C GLY D 79 -11.04 26.68 -12.61
N ILE D 80 -11.18 27.87 -13.20
CA ILE D 80 -12.43 28.60 -13.07
C ILE D 80 -13.55 27.90 -13.83
N VAL D 81 -13.23 27.24 -14.95
CA VAL D 81 -14.21 26.42 -15.64
C VAL D 81 -14.70 25.30 -14.73
N ALA D 82 -13.77 24.61 -14.06
CA ALA D 82 -14.15 23.48 -13.21
C ALA D 82 -15.05 23.91 -12.06
N ILE D 83 -14.73 25.03 -11.41
CA ILE D 83 -15.55 25.50 -10.30
C ILE D 83 -16.92 25.95 -10.81
N GLY D 84 -16.96 26.53 -12.00
CA GLY D 84 -18.25 26.91 -12.57
C GLY D 84 -19.15 25.71 -12.83
N ILE D 85 -18.58 24.64 -13.37
CA ILE D 85 -19.36 23.44 -13.63
C ILE D 85 -19.79 22.77 -12.33
N SER D 86 -18.93 22.79 -11.31
CA SER D 86 -19.28 22.17 -10.03
C SER D 86 -20.48 22.87 -9.40
N TRP D 87 -20.50 24.20 -9.44
CA TRP D 87 -21.70 24.94 -9.05
C TRP D 87 -22.87 24.60 -9.96
N MET D 88 -22.59 24.44 -11.26
CA MET D 88 -23.61 24.31 -12.29
C MET D 88 -24.43 23.03 -12.14
N PHE D 89 -23.77 21.88 -12.17
CA PHE D 89 -24.43 20.59 -12.10
C PHE D 89 -24.36 19.97 -10.70
N GLY D 90 -24.03 20.78 -9.69
CA GLY D 90 -24.07 20.35 -8.31
C GLY D 90 -24.85 21.33 -7.48
N ARG D 91 -24.29 21.76 -6.34
CA ARG D 91 -24.90 22.81 -5.54
C ARG D 91 -23.82 23.75 -5.06
N ALA D 92 -24.09 25.05 -5.20
CA ALA D 92 -23.08 26.07 -4.92
C ALA D 92 -22.65 26.05 -3.46
N SER D 93 -21.35 26.32 -3.24
CA SER D 93 -20.80 26.35 -1.90
C SER D 93 -19.62 27.33 -1.88
N LEU D 94 -19.46 28.04 -0.76
CA LEU D 94 -18.38 28.99 -0.64
C LEU D 94 -17.04 28.29 -0.45
N GLY D 95 -17.05 27.10 0.16
CA GLY D 95 -15.81 26.40 0.40
C GLY D 95 -15.10 26.00 -0.89
N LEU D 96 -15.85 25.54 -1.89
CA LEU D 96 -15.24 25.05 -3.11
C LEU D 96 -14.63 26.19 -3.93
N VAL D 97 -15.31 27.33 -4.02
CA VAL D 97 -14.75 28.47 -4.75
C VAL D 97 -13.53 29.01 -4.00
N ALA D 98 -13.57 28.98 -2.67
CA ALA D 98 -12.41 29.41 -1.89
C ALA D 98 -11.21 28.51 -2.15
N GLY D 99 -11.43 27.21 -2.24
CA GLY D 99 -10.33 26.29 -2.51
C GLY D 99 -9.72 26.49 -3.88
N VAL D 100 -10.57 26.62 -4.90
CA VAL D 100 -10.06 26.77 -6.27
C VAL D 100 -9.35 28.11 -6.43
N VAL D 101 -9.99 29.19 -5.99
CA VAL D 101 -9.39 30.52 -6.10
C VAL D 101 -8.13 30.60 -5.26
N GLY D 102 -8.17 30.07 -4.03
CA GLY D 102 -6.98 30.04 -3.20
C GLY D 102 -5.85 29.24 -3.81
N GLY D 103 -6.17 28.14 -4.48
CA GLY D 103 -5.14 27.38 -5.17
C GLY D 103 -4.47 28.16 -6.27
N ILE D 104 -5.27 28.93 -7.03
CA ILE D 104 -4.71 29.77 -8.09
C ILE D 104 -3.82 30.85 -7.48
N VAL D 105 -4.26 31.47 -6.39
CA VAL D 105 -3.46 32.52 -5.75
C VAL D 105 -2.16 31.94 -5.22
N ILE D 106 -2.23 30.77 -4.59
CA ILE D 106 -1.03 30.13 -4.06
C ILE D 106 -0.08 29.74 -5.18
N MET D 107 -0.62 29.18 -6.27
CA MET D 107 0.24 28.63 -7.32
C MET D 107 0.98 29.73 -8.07
N PHE D 108 0.28 30.83 -8.40
CA PHE D 108 0.96 31.94 -9.07
C PHE D 108 1.80 32.79 -8.12
N GLY D 109 1.51 32.75 -6.82
CA GLY D 109 2.31 33.46 -5.83
C GLY D 109 3.46 32.66 -5.29
N ALA D 110 3.81 31.54 -5.93
CA ALA D 110 4.79 30.62 -5.38
C ALA D 110 6.16 31.27 -5.23
N SER D 111 6.57 32.06 -6.22
CA SER D 111 7.87 32.73 -6.14
C SER D 111 7.89 33.70 -4.96
N PHE D 112 6.83 34.48 -4.80
CA PHE D 112 6.80 35.49 -3.76
C PHE D 112 6.56 34.86 -2.40
N LEU D 113 5.72 33.83 -2.34
CA LEU D 113 5.53 33.08 -1.10
C LEU D 113 6.82 32.41 -0.67
N GLY D 114 7.58 31.89 -1.64
CA GLY D 114 8.87 31.29 -1.31
C GLY D 114 9.87 32.33 -0.83
N LYS D 115 9.86 33.52 -1.42
CA LYS D 115 10.75 34.58 -0.97
C LYS D 115 10.43 35.00 0.46
N THR D 116 9.15 35.10 0.79
CA THR D 116 8.76 35.43 2.16
C THR D 116 9.21 34.34 3.14
N LEU D 117 9.14 33.08 2.73
CA LEU D 117 9.66 32.01 3.57
C LEU D 117 11.18 32.02 3.65
N THR D 118 11.84 32.74 2.74
CA THR D 118 13.29 32.83 2.67
C THR D 118 13.94 31.45 2.53
N GLY E 51 34.69 10.25 20.50
CA GLY E 51 34.76 11.13 19.34
C GLY E 51 34.02 12.44 19.53
N GLY E 52 32.83 12.53 18.96
CA GLY E 52 32.03 13.74 19.08
C GLY E 52 30.58 13.44 19.39
N GLY E 53 30.34 12.36 20.11
CA GLY E 53 28.99 11.96 20.45
C GLY E 53 28.41 12.74 21.62
N THR E 54 27.15 12.41 21.93
CA THR E 54 26.45 13.02 23.06
C THR E 54 25.36 12.08 23.51
N ASP E 55 24.71 12.44 24.62
CA ASP E 55 23.64 11.62 25.18
C ASP E 55 22.48 11.53 24.19
N PRO E 56 22.01 10.32 23.85
CA PRO E 56 20.74 10.23 23.11
C PRO E 56 19.58 10.87 23.87
N ALA E 57 19.60 10.77 25.20
CA ALA E 57 18.56 11.41 26.01
C ALA E 57 18.60 12.92 25.86
N THR E 58 19.81 13.49 25.79
CA THR E 58 19.93 14.93 25.58
C THR E 58 19.35 15.35 24.24
N MET E 59 19.62 14.58 23.19
CA MET E 59 19.10 14.93 21.87
C MET E 59 17.57 14.91 21.84
N VAL E 60 16.96 13.86 22.41
CA VAL E 60 15.50 13.80 22.43
C VAL E 60 14.94 14.92 23.30
N ASN E 61 15.63 15.24 24.39
CA ASN E 61 15.27 16.41 25.19
C ASN E 61 15.46 17.72 24.44
N ASN E 62 16.46 17.81 23.55
CA ASN E 62 16.61 18.99 22.72
C ASN E 62 15.43 19.14 21.76
N ILE E 63 14.94 18.03 21.22
CA ILE E 63 13.77 18.08 20.34
C ILE E 63 12.56 18.56 21.12
N CYS E 64 12.40 18.05 22.35
CA CYS E 64 11.31 18.52 23.21
C CYS E 64 11.45 20.01 23.51
N THR E 65 12.69 20.46 23.76
CA THR E 65 12.93 21.88 24.03
C THR E 65 12.62 22.74 22.81
N PHE E 66 13.02 22.29 21.62
CA PHE E 66 12.86 23.11 20.43
C PHE E 66 11.39 23.24 20.03
N ILE E 67 10.65 22.13 20.07
CA ILE E 67 9.26 22.14 19.62
C ILE E 67 8.40 22.96 20.57
N LEU E 68 8.75 22.97 21.86
CA LEU E 68 7.99 23.69 22.87
C LEU E 68 8.53 25.10 23.12
N GLY E 69 9.51 25.55 22.34
CA GLY E 69 10.06 26.88 22.49
C GLY E 69 9.35 27.89 21.62
N PRO E 70 10.09 28.89 21.14
CA PRO E 70 9.49 29.89 20.24
C PRO E 70 8.90 29.29 18.99
N PHE E 71 9.48 28.19 18.50
CA PHE E 71 8.95 27.52 17.31
C PHE E 71 7.53 27.02 17.55
N GLY E 72 7.28 26.45 18.73
CA GLY E 72 5.94 26.01 19.07
C GLY E 72 4.96 27.16 19.21
N GLN E 73 5.42 28.29 19.77
CA GLN E 73 4.57 29.46 19.89
C GLN E 73 4.13 29.95 18.51
N SER E 74 5.07 29.99 17.56
CA SER E 74 4.72 30.39 16.20
C SER E 74 3.78 29.38 15.55
N LEU E 75 4.00 28.08 15.81
CA LEU E 75 3.07 27.07 15.33
C LEU E 75 1.68 27.27 15.92
N ALA E 76 1.61 27.59 17.22
CA ALA E 76 0.33 27.81 17.87
C ALA E 76 -0.42 28.98 17.21
N VAL E 77 0.31 30.02 16.85
CA VAL E 77 -0.32 31.15 16.15
C VAL E 77 -0.89 30.70 14.81
N LEU E 78 -0.12 29.91 14.05
CA LEU E 78 -0.60 29.46 12.74
C LEU E 78 -1.78 28.51 12.88
N GLY E 79 -1.82 27.73 13.96
CA GLY E 79 -2.98 26.89 14.19
C GLY E 79 -4.24 27.69 14.41
N ILE E 80 -4.14 28.78 15.18
CA ILE E 80 -5.29 29.65 15.37
C ILE E 80 -5.63 30.39 14.08
N VAL E 81 -4.61 30.71 13.27
CA VAL E 81 -4.88 31.27 11.94
C VAL E 81 -5.67 30.29 11.09
N ALA E 82 -5.27 29.01 11.10
CA ALA E 82 -5.94 28.03 10.26
C ALA E 82 -7.40 27.84 10.66
N ILE E 83 -7.67 27.78 11.96
CA ILE E 83 -9.05 27.60 12.42
C ILE E 83 -9.87 28.85 12.10
N GLY E 84 -9.25 30.03 12.18
CA GLY E 84 -9.96 31.25 11.82
C GLY E 84 -10.38 31.27 10.36
N ILE E 85 -9.47 30.85 9.47
CA ILE E 85 -9.78 30.81 8.05
C ILE E 85 -10.82 29.74 7.75
N SER E 86 -10.77 28.60 8.44
CA SER E 86 -11.75 27.54 8.20
C SER E 86 -13.15 28.01 8.54
N TRP E 87 -13.31 28.72 9.67
CA TRP E 87 -14.58 29.38 9.96
C TRP E 87 -14.90 30.43 8.91
N MET E 88 -13.88 31.15 8.45
CA MET E 88 -14.04 32.32 7.60
C MET E 88 -14.62 31.97 6.24
N PHE E 89 -13.94 31.10 5.49
CA PHE E 89 -14.35 30.72 4.14
C PHE E 89 -15.07 29.38 4.12
N GLY E 90 -15.52 28.89 5.28
CA GLY E 90 -16.33 27.71 5.34
C GLY E 90 -17.58 27.96 6.17
N ARG E 91 -17.87 27.09 7.13
CA ARG E 91 -18.97 27.32 8.06
C ARG E 91 -18.51 26.93 9.46
N ALA E 92 -18.81 27.79 10.42
CA ALA E 92 -18.30 27.63 11.78
C ALA E 92 -18.84 26.35 12.41
N SER E 93 -17.99 25.70 13.23
CA SER E 93 -18.37 24.48 13.92
C SER E 93 -17.57 24.40 15.22
N LEU E 94 -18.21 23.86 16.26
CA LEU E 94 -17.55 23.72 17.55
C LEU E 94 -16.52 22.60 17.53
N GLY E 95 -16.76 21.57 16.71
CA GLY E 95 -15.84 20.46 16.65
C GLY E 95 -14.46 20.84 16.17
N LEU E 96 -14.39 21.70 15.15
CA LEU E 96 -13.11 22.05 14.55
C LEU E 96 -12.27 22.90 15.49
N VAL E 97 -12.89 23.87 16.17
CA VAL E 97 -12.14 24.69 17.13
C VAL E 97 -11.70 23.83 18.32
N ALA E 98 -12.54 22.87 18.72
CA ALA E 98 -12.15 21.97 19.80
C ALA E 98 -10.94 21.13 19.41
N GLY E 99 -10.91 20.65 18.17
CA GLY E 99 -9.76 19.86 17.72
C GLY E 99 -8.48 20.66 17.69
N VAL E 100 -8.54 21.87 17.13
CA VAL E 100 -7.33 22.69 16.99
C VAL E 100 -6.83 23.14 18.36
N VAL E 101 -7.74 23.66 19.19
CA VAL E 101 -7.35 24.12 20.53
C VAL E 101 -6.88 22.94 21.38
N GLY E 102 -7.60 21.81 21.30
CA GLY E 102 -7.16 20.63 22.01
C GLY E 102 -5.81 20.13 21.57
N GLY E 103 -5.52 20.21 20.27
CA GLY E 103 -4.20 19.82 19.79
C GLY E 103 -3.10 20.70 20.35
N ILE E 104 -3.36 22.01 20.45
CA ILE E 104 -2.38 22.92 21.04
C ILE E 104 -2.17 22.60 22.51
N VAL E 105 -3.25 22.34 23.24
CA VAL E 105 -3.15 22.00 24.65
C VAL E 105 -2.37 20.71 24.85
N ILE E 106 -2.67 19.71 24.03
CA ILE E 106 -1.97 18.43 24.12
C ILE E 106 -0.50 18.59 23.77
N MET E 107 -0.20 19.35 22.73
CA MET E 107 1.18 19.42 22.24
C MET E 107 2.09 20.17 23.21
N PHE E 108 1.61 21.28 23.78
CA PHE E 108 2.41 21.99 24.77
C PHE E 108 2.39 21.32 26.14
N GLY E 109 1.38 20.51 26.44
CA GLY E 109 1.33 19.77 27.68
C GLY E 109 1.99 18.42 27.62
N ALA E 110 2.79 18.16 26.58
CA ALA E 110 3.34 16.83 26.36
C ALA E 110 4.25 16.39 27.50
N SER E 111 5.08 17.30 28.01
CA SER E 111 5.97 16.96 29.12
C SER E 111 5.16 16.58 30.35
N PHE E 112 4.14 17.36 30.67
CA PHE E 112 3.36 17.12 31.87
C PHE E 112 2.41 15.94 31.69
N LEU E 113 1.84 15.79 30.49
CA LEU E 113 1.04 14.62 30.18
C LEU E 113 1.87 13.35 30.26
N GLY E 114 3.12 13.42 29.78
CA GLY E 114 4.00 12.27 29.89
C GLY E 114 4.37 11.95 31.32
N LYS E 115 4.58 12.98 32.14
CA LYS E 115 4.88 12.76 33.55
C LYS E 115 3.72 12.08 34.27
N THR E 116 2.49 12.51 33.97
CA THR E 116 1.32 11.87 34.55
C THR E 116 1.22 10.42 34.12
N LEU E 117 1.55 10.11 32.87
CA LEU E 117 1.58 8.72 32.43
C LEU E 117 2.73 7.94 33.07
N THR E 118 3.71 8.64 33.63
CA THR E 118 4.89 8.04 34.25
C THR E 118 5.64 7.14 33.27
N GLY F 51 14.30 -45.29 13.44
CA GLY F 51 14.84 -44.47 14.51
C GLY F 51 13.79 -43.95 15.46
N GLY F 52 13.43 -42.68 15.30
CA GLY F 52 12.41 -42.08 16.14
C GLY F 52 11.42 -41.25 15.36
N GLY F 53 11.15 -41.67 14.12
CA GLY F 53 10.23 -40.95 13.26
C GLY F 53 8.77 -41.25 13.57
N THR F 54 7.90 -40.59 12.81
CA THR F 54 6.46 -40.78 12.94
C THR F 54 5.81 -40.38 11.61
N ASP F 55 4.51 -40.64 11.53
CA ASP F 55 3.76 -40.31 10.32
C ASP F 55 3.77 -38.80 10.09
N PRO F 56 4.15 -38.34 8.89
CA PRO F 56 3.93 -36.91 8.57
C PRO F 56 2.45 -36.52 8.65
N ALA F 57 1.57 -37.45 8.28
CA ALA F 57 0.13 -37.20 8.38
C ALA F 57 -0.29 -36.99 9.83
N THR F 58 0.30 -37.76 10.75
CA THR F 58 0.00 -37.59 12.16
C THR F 58 0.43 -36.22 12.65
N MET F 59 1.62 -35.75 12.24
CA MET F 59 2.10 -34.45 12.68
C MET F 59 1.19 -33.33 12.19
N VAL F 60 0.80 -33.36 10.92
CA VAL F 60 -0.08 -32.32 10.40
C VAL F 60 -1.45 -32.40 11.09
N ASN F 61 -1.91 -33.62 11.37
CA ASN F 61 -3.11 -33.79 12.18
C ASN F 61 -2.94 -33.29 13.60
N ASN F 62 -1.74 -33.42 14.18
CA ASN F 62 -1.48 -32.85 15.49
C ASN F 62 -1.59 -31.34 15.47
N ILE F 63 -1.10 -30.70 14.40
CA ILE F 63 -1.23 -29.25 14.28
C ILE F 63 -2.69 -28.86 14.17
N CYS F 64 -3.47 -29.63 13.40
CA CYS F 64 -4.91 -29.38 13.33
C CYS F 64 -5.57 -29.55 14.69
N THR F 65 -5.16 -30.58 15.43
CA THR F 65 -5.70 -30.80 16.77
C THR F 65 -5.35 -29.67 17.72
N PHE F 66 -4.10 -29.20 17.69
CA PHE F 66 -3.65 -28.19 18.63
C PHE F 66 -4.33 -26.85 18.38
N ILE F 67 -4.40 -26.43 17.12
CA ILE F 67 -4.95 -25.12 16.80
C ILE F 67 -6.44 -25.07 17.09
N LEU F 68 -7.13 -26.20 16.94
CA LEU F 68 -8.57 -26.27 17.17
C LEU F 68 -8.92 -26.69 18.59
N GLY F 69 -7.94 -26.84 19.47
CA GLY F 69 -8.19 -27.22 20.83
C GLY F 69 -8.37 -26.02 21.74
N PRO F 70 -7.95 -26.14 23.00
CA PRO F 70 -8.05 -25.01 23.93
C PRO F 70 -7.29 -23.78 23.45
N PHE F 71 -6.21 -23.96 22.71
CA PHE F 71 -5.46 -22.83 22.18
C PHE F 71 -6.32 -22.01 21.22
N GLY F 72 -7.09 -22.69 20.37
CA GLY F 72 -7.99 -21.97 19.47
C GLY F 72 -9.11 -21.26 20.21
N GLN F 73 -9.63 -21.87 21.28
CA GLN F 73 -10.65 -21.22 22.08
C GLN F 73 -10.13 -19.92 22.69
N SER F 74 -8.90 -19.96 23.22
CA SER F 74 -8.30 -18.74 23.76
C SER F 74 -8.06 -17.71 22.67
N LEU F 75 -7.65 -18.16 21.48
CA LEU F 75 -7.50 -17.25 20.35
C LEU F 75 -8.84 -16.63 19.98
N ALA F 76 -9.91 -17.43 19.98
CA ALA F 76 -11.23 -16.91 19.67
C ALA F 76 -11.65 -15.82 20.65
N VAL F 77 -11.33 -16.00 21.93
CA VAL F 77 -11.63 -14.97 22.92
C VAL F 77 -10.87 -13.69 22.60
N LEU F 78 -9.59 -13.80 22.27
CA LEU F 78 -8.80 -12.61 21.97
C LEU F 78 -9.27 -11.92 20.70
N GLY F 79 -9.77 -12.70 19.73
CA GLY F 79 -10.34 -12.09 18.54
C GLY F 79 -11.56 -11.25 18.85
N ILE F 80 -12.43 -11.75 19.74
CA ILE F 80 -13.59 -10.96 20.16
C ILE F 80 -13.15 -9.77 21.00
N VAL F 81 -12.07 -9.93 21.77
CA VAL F 81 -11.50 -8.78 22.50
C VAL F 81 -11.04 -7.72 21.51
N ALA F 82 -10.34 -8.12 20.46
CA ALA F 82 -9.80 -7.16 19.51
C ALA F 82 -10.91 -6.39 18.80
N ILE F 83 -11.97 -7.08 18.39
CA ILE F 83 -13.07 -6.40 17.71
C ILE F 83 -13.81 -5.48 18.67
N GLY F 84 -13.90 -5.88 19.94
CA GLY F 84 -14.53 -5.01 20.93
C GLY F 84 -13.76 -3.71 21.12
N ILE F 85 -12.43 -3.80 21.20
CA ILE F 85 -11.61 -2.61 21.36
C ILE F 85 -11.65 -1.75 20.11
N SER F 86 -11.69 -2.35 18.93
CA SER F 86 -11.73 -1.58 17.69
C SER F 86 -13.01 -0.75 17.62
N TRP F 87 -14.15 -1.34 17.99
CA TRP F 87 -15.38 -0.55 18.15
C TRP F 87 -15.22 0.49 19.25
N MET F 88 -14.52 0.13 20.32
CA MET F 88 -14.44 0.93 21.54
C MET F 88 -13.71 2.24 21.32
N PHE F 89 -12.46 2.18 20.87
CA PHE F 89 -11.63 3.36 20.67
C PHE F 89 -11.57 3.78 19.21
N GLY F 90 -12.48 3.27 18.38
CA GLY F 90 -12.60 3.72 17.02
C GLY F 90 -14.03 4.08 16.70
N ARG F 91 -14.57 3.56 15.60
CA ARG F 91 -15.98 3.75 15.29
C ARG F 91 -16.54 2.43 14.76
N ALA F 92 -17.72 2.06 15.28
CA ALA F 92 -18.30 0.77 14.99
C ALA F 92 -18.62 0.60 13.51
N SER F 93 -18.43 -0.62 13.02
CA SER F 93 -18.71 -0.93 11.62
C SER F 93 -19.11 -2.39 11.51
N LEU F 94 -20.04 -2.69 10.60
CA LEU F 94 -20.49 -4.05 10.41
C LEU F 94 -19.43 -4.89 9.68
N GLY F 95 -18.63 -4.25 8.84
CA GLY F 95 -17.63 -5.00 8.09
C GLY F 95 -16.58 -5.63 8.97
N LEU F 96 -16.13 -4.90 10.00
CA LEU F 96 -15.05 -5.41 10.84
C LEU F 96 -15.51 -6.58 11.71
N VAL F 97 -16.72 -6.50 12.27
CA VAL F 97 -17.23 -7.62 13.06
C VAL F 97 -17.49 -8.83 12.16
N ALA F 98 -17.93 -8.58 10.93
CA ALA F 98 -18.13 -9.68 9.98
C ALA F 98 -16.81 -10.37 9.67
N GLY F 99 -15.75 -9.59 9.49
CA GLY F 99 -14.45 -10.19 9.19
C GLY F 99 -13.92 -11.03 10.35
N VAL F 100 -14.00 -10.49 11.56
CA VAL F 100 -13.46 -11.20 12.72
C VAL F 100 -14.28 -12.46 13.01
N VAL F 101 -15.61 -12.32 13.04
CA VAL F 101 -16.47 -13.46 13.31
C VAL F 101 -16.36 -14.49 12.19
N GLY F 102 -16.34 -14.02 10.93
CA GLY F 102 -16.14 -14.93 9.82
C GLY F 102 -14.82 -15.66 9.87
N GLY F 103 -13.76 -14.98 10.30
CA GLY F 103 -12.48 -15.64 10.45
C GLY F 103 -12.52 -16.76 11.49
N ILE F 104 -13.21 -16.51 12.61
CA ILE F 104 -13.36 -17.54 13.63
C ILE F 104 -14.15 -18.72 13.09
N VAL F 105 -15.23 -18.45 12.36
CA VAL F 105 -16.05 -19.53 11.79
C VAL F 105 -15.23 -20.33 10.79
N ILE F 106 -14.47 -19.64 9.94
CA ILE F 106 -13.65 -20.34 8.94
C ILE F 106 -12.56 -21.16 9.62
N MET F 107 -11.92 -20.60 10.64
CA MET F 107 -10.76 -21.27 11.23
C MET F 107 -11.15 -22.52 12.00
N PHE F 108 -12.25 -22.45 12.77
CA PHE F 108 -12.72 -23.65 13.46
C PHE F 108 -13.45 -24.62 12.56
N GLY F 109 -13.98 -24.17 11.43
CA GLY F 109 -14.62 -25.04 10.47
C GLY F 109 -13.69 -25.62 9.43
N ALA F 110 -12.36 -25.50 9.66
CA ALA F 110 -11.39 -25.87 8.64
C ALA F 110 -11.48 -27.35 8.27
N SER F 111 -11.65 -28.22 9.28
CA SER F 111 -11.77 -29.65 8.99
C SER F 111 -12.99 -29.95 8.14
N PHE F 112 -14.12 -29.33 8.49
CA PHE F 112 -15.37 -29.61 7.77
C PHE F 112 -15.39 -28.89 6.43
N LEU F 113 -14.83 -27.68 6.36
CA LEU F 113 -14.69 -27.00 5.08
C LEU F 113 -13.78 -27.76 4.15
N GLY F 114 -12.70 -28.34 4.70
CA GLY F 114 -11.82 -29.16 3.88
C GLY F 114 -12.49 -30.44 3.40
N LYS F 115 -13.31 -31.06 4.25
CA LYS F 115 -14.04 -32.25 3.84
C LYS F 115 -15.01 -31.95 2.71
N THR F 116 -15.70 -30.81 2.79
CA THR F 116 -16.60 -30.42 1.71
C THR F 116 -15.84 -30.19 0.42
N LEU F 117 -14.64 -29.61 0.50
CA LEU F 117 -13.81 -29.45 -0.69
C LEU F 117 -13.27 -30.78 -1.19
N THR F 118 -13.33 -31.82 -0.36
CA THR F 118 -12.82 -33.15 -0.67
C THR F 118 -11.35 -33.12 -1.08
N GLY G 51 8.55 -39.12 -28.85
CA GLY G 51 8.23 -39.75 -27.57
C GLY G 51 6.76 -39.67 -27.23
N GLY G 52 6.41 -38.76 -26.33
CA GLY G 52 5.03 -38.57 -25.92
C GLY G 52 4.63 -37.12 -25.86
N GLY G 53 5.22 -36.30 -26.74
CA GLY G 53 4.92 -34.89 -26.77
C GLY G 53 3.63 -34.55 -27.49
N THR G 54 3.32 -33.26 -27.51
CA THR G 54 2.14 -32.75 -28.19
C THR G 54 2.38 -31.28 -28.55
N ASP G 55 1.44 -30.72 -29.30
CA ASP G 55 1.55 -29.33 -29.71
C ASP G 55 1.52 -28.42 -28.48
N PRO G 56 2.48 -27.51 -28.34
CA PRO G 56 2.33 -26.46 -27.31
C PRO G 56 1.08 -25.61 -27.53
N ALA G 57 0.72 -25.38 -28.80
CA ALA G 57 -0.50 -24.63 -29.10
C ALA G 57 -1.74 -25.38 -28.60
N THR G 58 -1.74 -26.71 -28.73
CA THR G 58 -2.85 -27.50 -28.22
C THR G 58 -2.97 -27.37 -26.71
N MET G 59 -1.85 -27.42 -26.00
CA MET G 59 -1.88 -27.31 -24.54
C MET G 59 -2.44 -25.97 -24.09
N VAL G 60 -1.98 -24.88 -24.70
CA VAL G 60 -2.48 -23.56 -24.32
C VAL G 60 -3.96 -23.44 -24.69
N ASN G 61 -4.35 -24.04 -25.81
CA ASN G 61 -5.76 -24.12 -26.17
C ASN G 61 -6.55 -24.99 -25.19
N ASN G 62 -5.94 -26.04 -24.65
CA ASN G 62 -6.61 -26.83 -23.62
C ASN G 62 -6.86 -26.01 -22.36
N ILE G 63 -5.90 -25.16 -21.99
CA ILE G 63 -6.10 -24.29 -20.83
C ILE G 63 -7.24 -23.32 -21.10
N CYS G 64 -7.29 -22.77 -22.32
CA CYS G 64 -8.40 -21.90 -22.69
C CYS G 64 -9.73 -22.65 -22.64
N THR G 65 -9.73 -23.90 -23.11
CA THR G 65 -10.94 -24.71 -23.07
C THR G 65 -11.38 -25.01 -21.64
N PHE G 66 -10.43 -25.34 -20.77
CA PHE G 66 -10.77 -25.74 -19.41
C PHE G 66 -11.32 -24.57 -18.61
N ILE G 67 -10.66 -23.41 -18.70
CA ILE G 67 -11.05 -22.26 -17.89
C ILE G 67 -12.41 -21.73 -18.33
N LEU G 68 -12.72 -21.86 -19.62
CA LEU G 68 -13.98 -21.36 -20.16
C LEU G 68 -15.07 -22.43 -20.19
N GLY G 69 -14.82 -23.61 -19.64
CA GLY G 69 -15.80 -24.67 -19.60
C GLY G 69 -16.63 -24.63 -18.35
N PRO G 70 -17.04 -25.81 -17.86
CA PRO G 70 -17.83 -25.86 -16.62
C PRO G 70 -17.09 -25.27 -15.42
N PHE G 71 -15.77 -25.35 -15.42
CA PHE G 71 -14.99 -24.75 -14.33
C PHE G 71 -15.18 -23.25 -14.27
N GLY G 72 -15.20 -22.60 -15.44
CA GLY G 72 -15.44 -21.16 -15.47
C GLY G 72 -16.86 -20.81 -15.05
N GLN G 73 -17.84 -21.62 -15.42
CA GLN G 73 -19.20 -21.39 -15.00
C GLN G 73 -19.32 -21.43 -13.48
N SER G 74 -18.67 -22.42 -12.85
CA SER G 74 -18.67 -22.50 -11.39
C SER G 74 -17.94 -21.31 -10.78
N LEU G 75 -16.85 -20.88 -11.40
CA LEU G 75 -16.15 -19.68 -10.93
C LEU G 75 -17.06 -18.46 -11.05
N ALA G 76 -17.81 -18.35 -12.14
CA ALA G 76 -18.72 -17.23 -12.32
C ALA G 76 -19.77 -17.19 -11.22
N VAL G 77 -20.27 -18.36 -10.82
CA VAL G 77 -21.24 -18.41 -9.73
C VAL G 77 -20.60 -17.91 -8.44
N LEU G 78 -19.38 -18.35 -8.15
CA LEU G 78 -18.71 -17.91 -6.91
C LEU G 78 -18.40 -16.43 -6.94
N GLY G 79 -18.11 -15.87 -8.12
CA GLY G 79 -17.92 -14.43 -8.21
C GLY G 79 -19.17 -13.66 -7.86
N ILE G 80 -20.33 -14.13 -8.33
CA ILE G 80 -21.58 -13.49 -7.96
C ILE G 80 -21.90 -13.72 -6.49
N VAL G 81 -21.49 -14.87 -5.94
CA VAL G 81 -21.62 -15.09 -4.51
C VAL G 81 -20.80 -14.07 -3.74
N ALA G 82 -19.55 -13.85 -4.17
CA ALA G 82 -18.67 -12.94 -3.45
C ALA G 82 -19.20 -11.51 -3.45
N ILE G 83 -19.70 -11.05 -4.60
CA ILE G 83 -20.24 -9.69 -4.68
C ILE G 83 -21.51 -9.57 -3.84
N GLY G 84 -22.31 -10.64 -3.80
CA GLY G 84 -23.50 -10.63 -2.96
C GLY G 84 -23.17 -10.48 -1.49
N ILE G 85 -22.17 -11.23 -1.02
CA ILE G 85 -21.76 -11.14 0.37
C ILE G 85 -21.14 -9.80 0.69
N SER G 86 -20.38 -9.22 -0.24
CA SER G 86 -19.76 -7.92 -0.02
C SER G 86 -20.81 -6.84 0.19
N TRP G 87 -21.87 -6.86 -0.64
CA TRP G 87 -23.03 -5.99 -0.40
C TRP G 87 -23.69 -6.34 0.93
N MET G 88 -23.76 -7.63 1.25
CA MET G 88 -24.52 -8.15 2.37
C MET G 88 -23.97 -7.69 3.72
N PHE G 89 -22.71 -8.00 4.00
CA PHE G 89 -22.08 -7.67 5.27
C PHE G 89 -21.19 -6.43 5.16
N GLY G 90 -21.35 -5.65 4.10
CA GLY G 90 -20.67 -4.38 3.98
C GLY G 90 -21.64 -3.28 3.62
N ARG G 91 -21.34 -2.48 2.61
CA ARG G 91 -22.28 -1.49 2.11
C ARG G 91 -22.25 -1.50 0.60
N ALA G 92 -23.44 -1.50 -0.01
CA ALA G 92 -23.57 -1.66 -1.45
C ALA G 92 -22.90 -0.51 -2.20
N SER G 93 -22.30 -0.85 -3.35
CA SER G 93 -21.64 0.14 -4.19
C SER G 93 -21.71 -0.33 -5.63
N LEU G 94 -21.86 0.64 -6.55
CA LEU G 94 -21.93 0.30 -7.98
C LEU G 94 -20.56 -0.09 -8.52
N GLY G 95 -19.50 0.45 -7.94
CA GLY G 95 -18.16 0.14 -8.44
C GLY G 95 -17.80 -1.32 -8.28
N LEU G 96 -18.16 -1.92 -7.14
CA LEU G 96 -17.76 -3.29 -6.87
C LEU G 96 -18.50 -4.27 -7.77
N VAL G 97 -19.80 -4.07 -7.99
CA VAL G 97 -20.55 -4.95 -8.89
C VAL G 97 -20.06 -4.78 -10.32
N ALA G 98 -19.69 -3.55 -10.69
CA ALA G 98 -19.14 -3.32 -12.02
C ALA G 98 -17.83 -4.07 -12.22
N GLY G 99 -16.98 -4.06 -11.19
CA GLY G 99 -15.71 -4.78 -11.30
C GLY G 99 -15.89 -6.27 -11.43
N VAL G 100 -16.76 -6.85 -10.59
CA VAL G 100 -16.95 -8.30 -10.60
C VAL G 100 -17.62 -8.74 -11.91
N VAL G 101 -18.69 -8.05 -12.29
CA VAL G 101 -19.40 -8.40 -13.53
C VAL G 101 -18.51 -8.15 -14.73
N GLY G 102 -17.79 -7.03 -14.74
CA GLY G 102 -16.85 -6.77 -15.82
C GLY G 102 -15.76 -7.81 -15.92
N GLY G 103 -15.27 -8.29 -14.78
CA GLY G 103 -14.26 -9.35 -14.80
C GLY G 103 -14.79 -10.63 -15.42
N ILE G 104 -16.04 -10.97 -15.10
CA ILE G 104 -16.65 -12.16 -15.70
C ILE G 104 -16.80 -11.97 -17.21
N VAL G 105 -17.24 -10.79 -17.64
CA VAL G 105 -17.41 -10.52 -19.06
C VAL G 105 -16.07 -10.60 -19.78
N ILE G 106 -15.04 -10.00 -19.18
CA ILE G 106 -13.71 -10.02 -19.78
C ILE G 106 -13.16 -11.44 -19.85
N MET G 107 -13.34 -12.22 -18.77
CA MET G 107 -12.71 -13.53 -18.69
C MET G 107 -13.34 -14.52 -19.67
N PHE G 108 -14.67 -14.52 -19.79
CA PHE G 108 -15.31 -15.39 -20.76
C PHE G 108 -15.23 -14.87 -22.18
N GLY G 109 -15.02 -13.58 -22.37
CA GLY G 109 -14.83 -13.01 -23.69
C GLY G 109 -13.40 -12.99 -24.17
N ALA G 110 -12.51 -13.73 -23.49
CA ALA G 110 -11.08 -13.64 -23.76
C ALA G 110 -10.75 -14.08 -25.19
N SER G 111 -11.38 -15.15 -25.66
CA SER G 111 -11.14 -15.60 -27.03
C SER G 111 -11.54 -14.54 -28.04
N PHE G 112 -12.72 -13.94 -27.85
CA PHE G 112 -13.23 -12.97 -28.81
C PHE G 112 -12.52 -11.63 -28.66
N LEU G 113 -12.19 -11.25 -27.42
CA LEU G 113 -11.39 -10.05 -27.20
C LEU G 113 -10.01 -10.20 -27.81
N GLY G 114 -9.43 -11.40 -27.71
CA GLY G 114 -8.14 -11.65 -28.35
C GLY G 114 -8.22 -11.61 -29.86
N LYS G 115 -9.31 -12.14 -30.43
CA LYS G 115 -9.49 -12.09 -31.87
C LYS G 115 -9.60 -10.66 -32.36
N THR G 116 -10.33 -9.82 -31.63
CA THR G 116 -10.43 -8.40 -32.00
C THR G 116 -9.07 -7.72 -31.94
N LEU G 117 -8.25 -8.07 -30.96
CA LEU G 117 -6.90 -7.53 -30.89
C LEU G 117 -6.01 -8.10 -32.00
N THR G 118 -6.44 -9.19 -32.63
CA THR G 118 -5.68 -9.86 -33.68
C THR G 118 -4.29 -10.27 -33.21
N GLY H 51 28.91 -2.76 -39.91
CA GLY H 51 27.96 -3.84 -40.14
C GLY H 51 26.58 -3.34 -40.54
N GLY H 52 25.66 -3.37 -39.58
CA GLY H 52 24.31 -2.91 -39.82
C GLY H 52 23.78 -2.03 -38.71
N GLY H 53 24.67 -1.28 -38.07
CA GLY H 53 24.29 -0.41 -36.98
C GLY H 53 23.67 0.89 -37.43
N THR H 54 23.29 1.70 -36.45
CA THR H 54 22.71 3.02 -36.70
C THR H 54 22.94 3.89 -35.48
N ASP H 55 22.59 5.16 -35.60
CA ASP H 55 22.75 6.10 -34.50
C ASP H 55 21.87 5.69 -33.32
N PRO H 56 22.44 5.57 -32.11
CA PRO H 56 21.57 5.43 -30.94
C PRO H 56 20.62 6.60 -30.77
N ALA H 57 21.07 7.80 -31.13
CA ALA H 57 20.20 8.98 -31.06
C ALA H 57 19.02 8.85 -32.01
N THR H 58 19.26 8.27 -33.21
CA THR H 58 18.17 8.05 -34.15
C THR H 58 17.14 7.08 -33.58
N MET H 59 17.60 6.00 -32.94
CA MET H 59 16.68 5.02 -32.38
C MET H 59 15.81 5.63 -31.30
N VAL H 60 16.41 6.39 -30.38
CA VAL H 60 15.61 7.01 -29.32
C VAL H 60 14.67 8.04 -29.91
N ASN H 61 15.12 8.76 -30.95
CA ASN H 61 14.23 9.65 -31.69
C ASN H 61 13.13 8.90 -32.42
N ASN H 62 13.39 7.67 -32.90
CA ASN H 62 12.35 6.86 -33.50
C ASN H 62 11.29 6.49 -32.47
N ILE H 63 11.71 6.18 -31.24
CA ILE H 63 10.75 5.88 -30.18
C ILE H 63 9.90 7.10 -29.87
N CYS H 64 10.53 8.28 -29.83
CA CYS H 64 9.78 9.51 -29.64
C CYS H 64 8.80 9.74 -30.78
N THR H 65 9.23 9.46 -32.01
CA THR H 65 8.35 9.61 -33.17
C THR H 65 7.17 8.64 -33.12
N PHE H 66 7.44 7.39 -32.75
CA PHE H 66 6.39 6.37 -32.78
C PHE H 66 5.33 6.63 -31.70
N ILE H 67 5.76 6.96 -30.48
CA ILE H 67 4.83 7.13 -29.39
C ILE H 67 3.97 8.37 -29.61
N LEU H 68 4.51 9.38 -30.26
CA LEU H 68 3.79 10.63 -30.50
C LEU H 68 3.08 10.65 -31.85
N GLY H 69 3.10 9.54 -32.59
CA GLY H 69 2.43 9.46 -33.86
C GLY H 69 1.00 8.97 -33.74
N PRO H 70 0.53 8.24 -34.76
CA PRO H 70 -0.84 7.68 -34.68
C PRO H 70 -1.05 6.76 -33.50
N PHE H 71 -0.01 6.08 -33.04
CA PHE H 71 -0.12 5.21 -31.86
C PHE H 71 -0.49 6.02 -30.63
N GLY H 72 0.13 7.19 -30.46
CA GLY H 72 -0.22 8.05 -29.35
C GLY H 72 -1.63 8.60 -29.44
N GLN H 73 -2.08 8.93 -30.66
CA GLN H 73 -3.44 9.40 -30.84
C GLN H 73 -4.45 8.33 -30.42
N SER H 74 -4.19 7.08 -30.80
CA SER H 74 -5.07 5.99 -30.38
C SER H 74 -5.01 5.79 -28.88
N LEU H 75 -3.83 5.93 -28.28
CA LEU H 75 -3.71 5.86 -26.82
C LEU H 75 -4.50 6.98 -26.17
N ALA H 76 -4.43 8.19 -26.73
CA ALA H 76 -5.18 9.31 -26.18
C ALA H 76 -6.68 9.04 -26.19
N VAL H 77 -7.17 8.41 -27.26
CA VAL H 77 -8.59 8.06 -27.32
C VAL H 77 -8.93 7.07 -26.21
N LEU H 78 -8.09 6.05 -26.00
CA LEU H 78 -8.37 5.06 -24.97
C LEU H 78 -8.28 5.67 -23.57
N GLY H 79 -7.42 6.65 -23.38
CA GLY H 79 -7.38 7.34 -22.10
C GLY H 79 -8.67 8.07 -21.80
N ILE H 80 -9.24 8.74 -22.81
CA ILE H 80 -10.52 9.41 -22.63
C ILE H 80 -11.63 8.37 -22.45
N VAL H 81 -11.50 7.21 -23.11
CA VAL H 81 -12.46 6.13 -22.87
C VAL H 81 -12.40 5.68 -21.42
N ALA H 82 -11.18 5.51 -20.88
CA ALA H 82 -11.03 5.01 -19.52
C ALA H 82 -11.63 5.98 -18.50
N ILE H 83 -11.38 7.28 -18.68
CA ILE H 83 -11.92 8.27 -17.76
C ILE H 83 -13.44 8.34 -17.87
N GLY H 84 -13.96 8.15 -19.08
CA GLY H 84 -15.41 8.14 -19.25
C GLY H 84 -16.06 6.98 -18.50
N ILE H 85 -15.45 5.80 -18.60
CA ILE H 85 -16.00 4.63 -17.90
C ILE H 85 -15.86 4.78 -16.39
N SER H 86 -14.77 5.37 -15.92
CA SER H 86 -14.58 5.56 -14.49
C SER H 86 -15.66 6.46 -13.91
N TRP H 87 -15.98 7.55 -14.60
CA TRP H 87 -17.14 8.36 -14.22
C TRP H 87 -18.43 7.55 -14.34
N MET H 88 -18.51 6.71 -15.37
CA MET H 88 -19.74 6.01 -15.74
C MET H 88 -20.17 5.01 -14.68
N PHE H 89 -19.32 4.03 -14.37
CA PHE H 89 -19.63 2.98 -13.40
C PHE H 89 -19.02 3.25 -12.04
N GLY H 90 -18.59 4.48 -11.78
CA GLY H 90 -18.13 4.88 -10.46
C GLY H 90 -18.82 6.15 -10.02
N ARG H 91 -18.06 7.13 -9.56
CA ARG H 91 -18.62 8.44 -9.23
C ARG H 91 -17.67 9.51 -9.74
N ALA H 92 -18.24 10.53 -10.40
CA ALA H 92 -17.45 11.55 -11.06
C ALA H 92 -16.61 12.34 -10.08
N SER H 93 -15.40 12.71 -10.52
CA SER H 93 -14.49 13.49 -9.69
C SER H 93 -13.61 14.34 -10.60
N LEU H 94 -13.29 15.55 -10.13
CA LEU H 94 -12.45 16.44 -10.92
C LEU H 94 -10.99 15.98 -10.91
N GLY H 95 -10.57 15.32 -9.83
CA GLY H 95 -9.18 14.88 -9.75
C GLY H 95 -8.82 13.87 -10.81
N LEU H 96 -9.72 12.92 -11.08
CA LEU H 96 -9.40 11.85 -12.02
C LEU H 96 -9.32 12.37 -13.45
N VAL H 97 -10.24 13.25 -13.85
CA VAL H 97 -10.17 13.82 -15.20
C VAL H 97 -8.94 14.70 -15.35
N ALA H 98 -8.58 15.41 -14.27
CA ALA H 98 -7.37 16.22 -14.30
C ALA H 98 -6.13 15.35 -14.50
N GLY H 99 -6.08 14.21 -13.82
CA GLY H 99 -4.93 13.32 -13.97
C GLY H 99 -4.81 12.75 -15.38
N VAL H 100 -5.93 12.28 -15.93
CA VAL H 100 -5.90 11.67 -17.26
C VAL H 100 -5.59 12.70 -18.33
N VAL H 101 -6.28 13.84 -18.29
CA VAL H 101 -6.05 14.90 -19.27
C VAL H 101 -4.64 15.47 -19.11
N GLY H 102 -4.20 15.69 -17.87
CA GLY H 102 -2.84 16.14 -17.64
C GLY H 102 -1.80 15.17 -18.13
N GLY H 103 -2.05 13.87 -17.98
CA GLY H 103 -1.12 12.88 -18.51
C GLY H 103 -1.01 12.94 -20.02
N ILE H 104 -2.14 13.15 -20.70
CA ILE H 104 -2.11 13.28 -22.15
C ILE H 104 -1.34 14.53 -22.56
N VAL H 105 -1.57 15.64 -21.86
CA VAL H 105 -0.87 16.89 -22.18
C VAL H 105 0.63 16.72 -21.95
N ILE H 106 1.00 16.09 -20.84
CA ILE H 106 2.41 15.87 -20.54
C ILE H 106 3.06 14.95 -21.57
N MET H 107 2.35 13.88 -21.95
CA MET H 107 2.97 12.86 -22.80
C MET H 107 3.18 13.37 -24.22
N PHE H 108 2.20 14.11 -24.77
CA PHE H 108 2.39 14.68 -26.10
C PHE H 108 3.26 15.93 -26.09
N GLY H 109 3.38 16.60 -24.96
CA GLY H 109 4.26 17.75 -24.84
C GLY H 109 5.67 17.41 -24.43
N ALA H 110 6.05 16.13 -24.49
CA ALA H 110 7.33 15.69 -23.96
C ALA H 110 8.50 16.34 -24.68
N SER H 111 8.43 16.46 -26.01
CA SER H 111 9.50 17.10 -26.75
C SER H 111 9.67 18.55 -26.34
N PHE H 112 8.55 19.27 -26.22
CA PHE H 112 8.62 20.69 -25.89
C PHE H 112 8.92 20.91 -24.43
N LEU H 113 8.39 20.05 -23.55
CA LEU H 113 8.74 20.10 -22.14
C LEU H 113 10.22 19.81 -21.94
N GLY H 114 10.75 18.86 -22.70
CA GLY H 114 12.18 18.58 -22.63
C GLY H 114 13.03 19.73 -23.13
N LYS H 115 12.58 20.39 -24.20
CA LYS H 115 13.31 21.55 -24.71
C LYS H 115 13.35 22.67 -23.69
N THR H 116 12.23 22.91 -23.00
CA THR H 116 12.21 23.94 -21.96
C THR H 116 13.15 23.58 -20.82
N LEU H 117 13.24 22.29 -20.48
CA LEU H 117 14.21 21.87 -19.45
C LEU H 117 15.64 21.96 -19.97
N THR H 118 15.82 22.07 -21.28
CA THR H 118 17.13 22.13 -21.92
C THR H 118 17.99 20.93 -21.56
N GLY I 51 47.25 13.55 -4.46
CA GLY I 51 46.77 13.64 -5.83
C GLY I 51 45.87 14.83 -6.07
N GLY I 52 44.57 14.57 -6.13
CA GLY I 52 43.59 15.62 -6.35
C GLY I 52 42.40 15.51 -5.42
N GLY I 53 42.63 14.99 -4.22
CA GLY I 53 41.56 14.82 -3.26
C GLY I 53 41.20 16.11 -2.53
N THR I 54 40.20 15.98 -1.65
CA THR I 54 39.74 17.09 -0.83
C THR I 54 39.07 16.53 0.41
N ASP I 55 38.72 17.42 1.32
CA ASP I 55 38.07 17.02 2.56
C ASP I 55 36.71 16.38 2.26
N PRO I 56 36.44 15.18 2.78
CA PRO I 56 35.05 14.67 2.71
C PRO I 56 34.06 15.59 3.42
N ALA I 57 34.50 16.24 4.50
CA ALA I 57 33.63 17.19 5.20
C ALA I 57 33.30 18.38 4.30
N THR I 58 34.27 18.84 3.51
CA THR I 58 34.01 19.94 2.57
C THR I 58 32.98 19.53 1.53
N MET I 59 33.08 18.32 1.00
CA MET I 59 32.14 17.87 -0.02
C MET I 59 30.72 17.81 0.54
N VAL I 60 30.54 17.23 1.73
CA VAL I 60 29.21 17.16 2.30
C VAL I 60 28.69 18.56 2.63
N ASN I 61 29.59 19.45 3.07
CA ASN I 61 29.24 20.85 3.23
C ASN I 61 28.90 21.53 1.92
N ASN I 62 29.54 21.14 0.82
CA ASN I 62 29.18 21.67 -0.49
C ASN I 62 27.78 21.25 -0.87
N ILE I 63 27.40 20.01 -0.56
CA ILE I 63 26.04 19.55 -0.85
C ILE I 63 25.04 20.35 -0.03
N CYS I 64 25.37 20.60 1.24
CA CYS I 64 24.51 21.44 2.08
C CYS I 64 24.40 22.85 1.51
N THR I 65 25.52 23.40 1.02
CA THR I 65 25.52 24.73 0.43
C THR I 65 24.67 24.76 -0.85
N PHE I 66 24.80 23.75 -1.70
CA PHE I 66 24.12 23.77 -2.98
C PHE I 66 22.61 23.63 -2.80
N ILE I 67 22.18 22.71 -1.95
CA ILE I 67 20.75 22.45 -1.80
C ILE I 67 20.06 23.64 -1.15
N LEU I 68 20.76 24.36 -0.29
CA LEU I 68 20.19 25.50 0.42
C LEU I 68 20.45 26.82 -0.29
N GLY I 69 21.04 26.80 -1.48
CA GLY I 69 21.30 28.00 -2.23
C GLY I 69 20.16 28.34 -3.17
N PRO I 70 20.49 28.93 -4.32
CA PRO I 70 19.44 29.27 -5.30
C PRO I 70 18.66 28.05 -5.78
N PHE I 71 19.29 26.88 -5.82
CA PHE I 71 18.59 25.66 -6.21
C PHE I 71 17.46 25.35 -5.24
N GLY I 72 17.70 25.52 -3.94
CA GLY I 72 16.65 25.30 -2.96
C GLY I 72 15.53 26.32 -3.07
N GLN I 73 15.87 27.58 -3.37
CA GLN I 73 14.85 28.59 -3.56
C GLN I 73 13.94 28.25 -4.72
N SER I 74 14.52 27.78 -5.83
CA SER I 74 13.71 27.36 -6.96
C SER I 74 12.86 26.14 -6.62
N LEU I 75 13.42 25.21 -5.84
CA LEU I 75 12.64 24.07 -5.37
C LEU I 75 11.48 24.53 -4.49
N ALA I 76 11.73 25.51 -3.61
CA ALA I 76 10.67 26.02 -2.75
C ALA I 76 9.54 26.62 -3.57
N VAL I 77 9.87 27.31 -4.67
CA VAL I 77 8.83 27.86 -5.54
C VAL I 77 8.01 26.73 -6.15
N LEU I 78 8.67 25.68 -6.63
CA LEU I 78 7.94 24.57 -7.24
C LEU I 78 7.09 23.82 -6.23
N GLY I 79 7.54 23.76 -4.97
CA GLY I 79 6.71 23.16 -3.93
C GLY I 79 5.43 23.92 -3.71
N ILE I 80 5.51 25.26 -3.69
CA ILE I 80 4.31 26.07 -3.56
C ILE I 80 3.45 25.97 -4.82
N VAL I 81 4.09 25.80 -5.99
CA VAL I 81 3.33 25.54 -7.21
C VAL I 81 2.55 24.25 -7.09
N ALA I 82 3.21 23.19 -6.58
CA ALA I 82 2.55 21.88 -6.50
C ALA I 82 1.36 21.92 -5.56
N ILE I 83 1.50 22.58 -4.40
CA ILE I 83 0.39 22.66 -3.45
C ILE I 83 -0.74 23.51 -4.02
N GLY I 84 -0.39 24.54 -4.79
CA GLY I 84 -1.43 25.35 -5.42
C GLY I 84 -2.25 24.55 -6.42
N ILE I 85 -1.58 23.74 -7.23
CA ILE I 85 -2.29 22.91 -8.22
C ILE I 85 -3.11 21.84 -7.53
N SER I 86 -2.60 21.27 -6.44
CA SER I 86 -3.35 20.23 -5.72
C SER I 86 -4.66 20.78 -5.19
N TRP I 87 -4.62 21.98 -4.60
CA TRP I 87 -5.86 22.67 -4.23
C TRP I 87 -6.71 22.96 -5.47
N MET I 88 -6.05 23.33 -6.57
CA MET I 88 -6.70 23.84 -7.77
C MET I 88 -7.57 22.79 -8.45
N PHE I 89 -6.97 21.67 -8.84
CA PHE I 89 -7.67 20.60 -9.54
C PHE I 89 -8.05 19.44 -8.62
N GLY I 90 -8.02 19.67 -7.31
CA GLY I 90 -8.50 18.69 -6.35
C GLY I 90 -9.46 19.34 -5.38
N ARG I 91 -9.26 19.12 -4.09
CA ARG I 91 -10.06 19.81 -3.07
C ARG I 91 -9.13 20.26 -1.95
N ALA I 92 -9.31 21.51 -1.52
CA ALA I 92 -8.40 22.12 -0.56
C ALA I 92 -8.44 21.39 0.78
N SER I 93 -7.26 21.32 1.42
CA SER I 93 -7.15 20.68 2.71
C SER I 93 -6.01 21.33 3.48
N LEU I 94 -6.18 21.44 4.80
CA LEU I 94 -5.14 22.06 5.63
C LEU I 94 -3.95 21.12 5.81
N GLY I 95 -4.19 19.81 5.77
CA GLY I 95 -3.10 18.86 5.96
C GLY I 95 -2.05 18.96 4.88
N LEU I 96 -2.48 19.11 3.62
CA LEU I 96 -1.53 19.09 2.52
C LEU I 96 -0.66 20.35 2.51
N VAL I 97 -1.25 21.52 2.78
CA VAL I 97 -0.45 22.74 2.84
C VAL I 97 0.50 22.70 4.03
N ALA I 98 0.05 22.10 5.14
CA ALA I 98 0.93 21.94 6.29
C ALA I 98 2.13 21.06 5.97
N GLY I 99 1.89 19.97 5.23
CA GLY I 99 3.00 19.09 4.87
C GLY I 99 4.00 19.76 3.96
N VAL I 100 3.51 20.47 2.93
CA VAL I 100 4.42 21.10 1.97
C VAL I 100 5.18 22.24 2.63
N VAL I 101 4.48 23.11 3.35
CA VAL I 101 5.13 24.23 4.01
C VAL I 101 6.08 23.73 5.10
N GLY I 102 5.64 22.74 5.87
CA GLY I 102 6.52 22.15 6.87
C GLY I 102 7.75 21.52 6.27
N GLY I 103 7.61 20.87 5.11
CA GLY I 103 8.79 20.32 4.45
C GLY I 103 9.78 21.38 4.04
N ILE I 104 9.28 22.52 3.55
CA ILE I 104 10.17 23.63 3.19
C ILE I 104 10.87 24.17 4.43
N VAL I 105 10.13 24.32 5.53
CA VAL I 105 10.72 24.83 6.76
C VAL I 105 11.79 23.87 7.28
N ILE I 106 11.48 22.58 7.25
CA ILE I 106 12.44 21.58 7.72
C ILE I 106 13.68 21.55 6.82
N MET I 107 13.48 21.62 5.51
CA MET I 107 14.60 21.44 4.59
C MET I 107 15.57 22.62 4.64
N PHE I 108 15.05 23.85 4.70
CA PHE I 108 15.94 25.01 4.82
C PHE I 108 16.47 25.20 6.24
N GLY I 109 15.79 24.66 7.25
CA GLY I 109 16.28 24.73 8.61
C GLY I 109 17.18 23.59 9.01
N ALA I 110 17.67 22.81 8.03
CA ALA I 110 18.40 21.59 8.33
C ALA I 110 19.68 21.87 9.10
N SER I 111 20.41 22.92 8.73
CA SER I 111 21.63 23.26 9.45
C SER I 111 21.33 23.60 10.90
N PHE I 112 20.30 24.42 11.13
CA PHE I 112 19.98 24.86 12.47
C PHE I 112 19.30 23.76 13.27
N LEU I 113 18.46 22.96 12.61
CA LEU I 113 17.88 21.80 13.27
C LEU I 113 18.94 20.79 13.66
N GLY I 114 19.94 20.61 12.79
CA GLY I 114 21.06 19.73 13.13
C GLY I 114 21.89 20.26 14.28
N LYS I 115 22.11 21.59 14.32
CA LYS I 115 22.85 22.18 15.42
C LYS I 115 22.13 21.98 16.75
N THR I 116 20.80 22.14 16.75
CA THR I 116 20.03 21.91 17.97
C THR I 116 20.12 20.45 18.40
N LEU I 117 20.14 19.52 17.46
CA LEU I 117 20.33 18.12 17.80
C LEU I 117 21.76 17.84 18.27
N THR I 118 22.69 18.76 18.00
CA THR I 118 24.10 18.62 18.35
C THR I 118 24.70 17.35 17.76
N GLY J 51 38.22 -12.74 28.52
CA GLY J 51 38.67 -11.47 27.95
C GLY J 51 37.96 -10.27 28.53
N GLY J 52 37.01 -9.73 27.78
CA GLY J 52 36.25 -8.58 28.24
C GLY J 52 34.76 -8.73 27.99
N GLY J 53 34.27 -9.96 28.04
CA GLY J 53 32.87 -10.23 27.79
C GLY J 53 31.98 -9.95 29.00
N THR J 54 30.69 -10.16 28.80
CA THR J 54 29.69 -9.98 29.85
C THR J 54 28.48 -10.83 29.52
N ASP J 55 27.55 -10.88 30.45
CA ASP J 55 26.33 -11.66 30.27
C ASP J 55 25.52 -11.11 29.09
N PRO J 56 25.14 -11.95 28.13
CA PRO J 56 24.15 -11.49 27.13
C PRO J 56 22.83 -11.07 27.77
N ALA J 57 22.44 -11.73 28.86
CA ALA J 57 21.23 -11.35 29.58
C ALA J 57 21.36 -9.94 30.16
N THR J 58 22.55 -9.61 30.67
CA THR J 58 22.78 -8.27 31.20
C THR J 58 22.66 -7.22 30.11
N MET J 59 23.20 -7.49 28.92
CA MET J 59 23.13 -6.53 27.83
C MET J 59 21.69 -6.27 27.41
N VAL J 60 20.90 -7.33 27.25
CA VAL J 60 19.50 -7.15 26.85
C VAL J 60 18.73 -6.44 27.97
N ASN J 61 19.07 -6.74 29.22
CA ASN J 61 18.52 -6.00 30.35
C ASN J 61 18.97 -4.54 30.37
N ASN J 62 20.19 -4.26 29.91
CA ASN J 62 20.64 -2.87 29.79
C ASN J 62 19.82 -2.12 28.76
N ILE J 63 19.48 -2.79 27.64
CA ILE J 63 18.63 -2.16 26.63
C ILE J 63 17.26 -1.87 27.20
N CYS J 64 16.72 -2.82 27.97
CA CYS J 64 15.43 -2.60 28.63
C CYS J 64 15.52 -1.43 29.61
N THR J 65 16.64 -1.35 30.35
CA THR J 65 16.83 -0.25 31.29
C THR J 65 16.94 1.10 30.58
N PHE J 66 17.68 1.14 29.47
CA PHE J 66 17.92 2.40 28.78
C PHE J 66 16.64 2.94 28.15
N ILE J 67 15.89 2.07 27.46
CA ILE J 67 14.70 2.51 26.74
C ILE J 67 13.62 2.97 27.72
N LEU J 68 13.57 2.36 28.89
CA LEU J 68 12.55 2.69 29.89
C LEU J 68 13.03 3.74 30.88
N GLY J 69 14.22 4.30 30.69
CA GLY J 69 14.73 5.33 31.57
C GLY J 69 14.37 6.72 31.12
N PRO J 70 15.25 7.69 31.38
CA PRO J 70 14.98 9.07 30.92
C PRO J 70 14.80 9.18 29.42
N PHE J 71 15.46 8.32 28.64
CA PHE J 71 15.29 8.33 27.19
C PHE J 71 13.85 8.02 26.80
N GLY J 72 13.24 7.05 27.48
CA GLY J 72 11.84 6.75 27.21
C GLY J 72 10.90 7.86 27.62
N GLN J 73 11.20 8.54 28.73
CA GLN J 73 10.40 9.67 29.14
C GLN J 73 10.43 10.79 28.10
N SER J 74 11.61 11.07 27.55
CA SER J 74 11.71 12.07 26.49
C SER J 74 10.98 11.61 25.24
N LEU J 75 11.06 10.32 24.92
CA LEU J 75 10.30 9.79 23.79
C LEU J 75 8.80 9.94 24.03
N ALA J 76 8.35 9.68 25.26
CA ALA J 76 6.94 9.82 25.58
C ALA J 76 6.47 11.26 25.38
N VAL J 77 7.31 12.23 25.74
CA VAL J 77 6.96 13.63 25.51
C VAL J 77 6.81 13.90 24.02
N LEU J 78 7.75 13.40 23.21
CA LEU J 78 7.68 13.65 21.77
C LEU J 78 6.48 12.95 21.14
N GLY J 79 6.09 11.80 21.67
CA GLY J 79 4.88 11.15 21.19
C GLY J 79 3.64 11.98 21.42
N ILE J 80 3.54 12.60 22.60
CA ILE J 80 2.42 13.49 22.87
C ILE J 80 2.52 14.76 22.03
N VAL J 81 3.75 15.21 21.76
CA VAL J 81 3.92 16.33 20.83
C VAL J 81 3.39 15.96 19.44
N ALA J 82 3.72 14.76 18.96
CA ALA J 82 3.31 14.37 17.62
C ALA J 82 1.80 14.28 17.50
N ILE J 83 1.13 13.70 18.51
CA ILE J 83 -0.32 13.59 18.46
C ILE J 83 -0.97 14.97 18.56
N GLY J 84 -0.36 15.87 19.33
CA GLY J 84 -0.89 17.22 19.40
C GLY J 84 -0.83 17.94 18.07
N ILE J 85 0.29 17.80 17.35
CA ILE J 85 0.43 18.44 16.05
C ILE J 85 -0.50 17.81 15.03
N SER J 86 -0.70 16.49 15.11
CA SER J 86 -1.59 15.82 14.16
C SER J 86 -3.02 16.33 14.30
N TRP J 87 -3.49 16.49 15.54
CA TRP J 87 -4.77 17.16 15.78
C TRP J 87 -4.72 18.60 15.29
N MET J 88 -3.58 19.26 15.50
CA MET J 88 -3.43 20.70 15.27
C MET J 88 -3.58 21.07 13.80
N PHE J 89 -2.73 20.52 12.94
CA PHE J 89 -2.72 20.83 11.52
C PHE J 89 -3.44 19.78 10.69
N GLY J 90 -4.24 18.92 11.34
CA GLY J 90 -5.08 17.98 10.63
C GLY J 90 -6.50 18.06 11.13
N ARG J 91 -7.11 16.92 11.46
CA ARG J 91 -8.43 16.92 12.09
C ARG J 91 -8.44 15.88 13.19
N ALA J 92 -8.98 16.28 14.35
CA ALA J 92 -8.93 15.46 15.55
C ALA J 92 -9.68 14.14 15.35
N SER J 93 -9.14 13.08 15.96
CA SER J 93 -9.75 11.77 15.89
C SER J 93 -9.40 10.99 17.15
N LEU J 94 -10.35 10.18 17.62
CA LEU J 94 -10.11 9.39 18.82
C LEU J 94 -9.17 8.22 18.54
N GLY J 95 -9.18 7.71 17.31
CA GLY J 95 -8.32 6.58 16.99
C GLY J 95 -6.84 6.90 17.11
N LEU J 96 -6.44 8.09 16.66
CA LEU J 96 -5.03 8.43 16.65
C LEU J 96 -4.49 8.64 18.06
N VAL J 97 -5.25 9.31 18.92
CA VAL J 97 -4.81 9.49 20.31
C VAL J 97 -4.78 8.15 21.03
N ALA J 98 -5.73 7.27 20.71
CA ALA J 98 -5.73 5.93 21.31
C ALA J 98 -4.48 5.16 20.91
N GLY J 99 -4.08 5.27 19.64
CA GLY J 99 -2.89 4.56 19.18
C GLY J 99 -1.63 5.06 19.85
N VAL J 100 -1.47 6.39 19.92
CA VAL J 100 -0.26 6.97 20.49
C VAL J 100 -0.19 6.69 21.99
N VAL J 101 -1.28 6.94 22.71
CA VAL J 101 -1.31 6.71 24.15
C VAL J 101 -1.16 5.22 24.45
N GLY J 102 -1.86 4.37 23.67
CA GLY J 102 -1.71 2.93 23.85
C GLY J 102 -0.29 2.46 23.59
N GLY J 103 0.38 3.05 22.59
CA GLY J 103 1.77 2.69 22.35
C GLY J 103 2.67 3.03 23.51
N ILE J 104 2.44 4.20 24.13
CA ILE J 104 3.22 4.58 25.31
C ILE J 104 2.95 3.61 26.46
N VAL J 105 1.69 3.26 26.67
CA VAL J 105 1.34 2.33 27.75
C VAL J 105 1.99 0.98 27.51
N ILE J 106 1.92 0.49 26.27
CA ILE J 106 2.51 -0.81 25.94
C ILE J 106 4.02 -0.77 26.10
N MET J 107 4.66 0.32 25.65
CA MET J 107 6.12 0.35 25.62
C MET J 107 6.71 0.44 27.03
N PHE J 108 6.12 1.26 27.90
CA PHE J 108 6.60 1.32 29.28
C PHE J 108 6.14 0.14 30.12
N GLY J 109 5.06 -0.54 29.74
CA GLY J 109 4.60 -1.72 30.43
C GLY J 109 5.21 -3.01 29.94
N ALA J 110 6.28 -2.92 29.13
CA ALA J 110 6.83 -4.10 28.48
C ALA J 110 7.33 -5.13 29.47
N SER J 111 8.01 -4.69 30.54
CA SER J 111 8.48 -5.63 31.54
C SER J 111 7.33 -6.36 32.20
N PHE J 112 6.28 -5.62 32.57
CA PHE J 112 5.16 -6.23 33.28
C PHE J 112 4.28 -7.02 32.34
N LEU J 113 4.11 -6.54 31.10
CA LEU J 113 3.39 -7.32 30.09
C LEU J 113 4.11 -8.61 29.78
N GLY J 114 5.45 -8.56 29.73
CA GLY J 114 6.23 -9.77 29.51
C GLY J 114 6.12 -10.74 30.68
N LYS J 115 6.11 -10.21 31.91
CA LYS J 115 5.95 -11.07 33.08
C LYS J 115 4.60 -11.78 33.07
N THR J 116 3.54 -11.05 32.70
CA THR J 116 2.22 -11.68 32.60
C THR J 116 2.21 -12.77 31.53
N LEU J 117 2.91 -12.56 30.42
CA LEU J 117 3.02 -13.60 29.40
C LEU J 117 3.89 -14.76 29.87
N THR J 118 4.67 -14.55 30.93
CA THR J 118 5.59 -15.55 31.48
C THR J 118 6.57 -16.06 30.43
N GLY K 51 19.13 -55.38 -8.47
CA GLY K 51 19.35 -55.21 -7.05
C GLY K 51 18.07 -54.98 -6.26
N GLY K 52 17.82 -53.73 -5.91
CA GLY K 52 16.62 -53.38 -5.17
C GLY K 52 15.94 -52.14 -5.71
N GLY K 53 16.05 -51.92 -7.02
CA GLY K 53 15.46 -50.76 -7.65
C GLY K 53 13.97 -50.92 -7.92
N THR K 54 13.39 -49.85 -8.47
CA THR K 54 11.98 -49.83 -8.82
C THR K 54 11.77 -48.80 -9.93
N ASP K 55 10.56 -48.75 -10.45
CA ASP K 55 10.23 -47.82 -11.51
C ASP K 55 10.36 -46.39 -11.01
N PRO K 56 11.10 -45.53 -11.71
CA PRO K 56 11.04 -44.09 -11.38
C PRO K 56 9.63 -43.52 -11.52
N ALA K 57 8.87 -44.04 -12.49
CA ALA K 57 7.48 -43.61 -12.65
C ALA K 57 6.64 -43.98 -11.43
N THR K 58 6.89 -45.17 -10.86
CA THR K 58 6.18 -45.57 -9.66
C THR K 58 6.49 -44.64 -8.49
N MET K 59 7.75 -44.26 -8.33
CA MET K 59 8.13 -43.37 -7.23
C MET K 59 7.45 -42.02 -7.36
N VAL K 60 7.46 -41.43 -8.55
CA VAL K 60 6.82 -40.13 -8.72
C VAL K 60 5.31 -40.27 -8.54
N ASN K 61 4.74 -41.39 -8.98
CA ASN K 61 3.34 -41.68 -8.69
C ASN K 61 3.08 -41.89 -7.20
N ASN K 62 4.05 -42.44 -6.46
CA ASN K 62 3.90 -42.56 -5.02
C ASN K 62 3.86 -41.19 -4.36
N ILE K 63 4.67 -40.25 -4.85
CA ILE K 63 4.64 -38.89 -4.32
C ILE K 63 3.30 -38.25 -4.60
N CYS K 64 2.77 -38.46 -5.80
CA CYS K 64 1.43 -37.97 -6.13
C CYS K 64 0.38 -38.59 -5.22
N THR K 65 0.51 -39.90 -4.96
CA THR K 65 -0.43 -40.58 -4.08
C THR K 65 -0.35 -40.05 -2.64
N PHE K 66 0.86 -39.83 -2.15
CA PHE K 66 1.03 -39.42 -0.75
C PHE K 66 0.51 -38.01 -0.52
N ILE K 67 0.85 -37.08 -1.41
CA ILE K 67 0.47 -35.69 -1.22
C ILE K 67 -1.04 -35.52 -1.33
N LEU K 68 -1.68 -36.34 -2.16
CA LEU K 68 -3.13 -36.25 -2.37
C LEU K 68 -3.92 -37.18 -1.46
N GLY K 69 -3.25 -37.86 -0.52
CA GLY K 69 -3.93 -38.74 0.39
C GLY K 69 -4.34 -38.04 1.68
N PRO K 70 -4.32 -38.77 2.79
CA PRO K 70 -4.67 -38.14 4.09
C PRO K 70 -3.76 -36.97 4.45
N PHE K 71 -2.50 -37.01 4.00
CA PHE K 71 -1.59 -35.90 4.28
C PHE K 71 -2.09 -34.61 3.62
N GLY K 72 -2.59 -34.72 2.39
CA GLY K 72 -3.14 -33.54 1.73
C GLY K 72 -4.40 -33.04 2.39
N GLN K 73 -5.24 -33.95 2.89
CA GLN K 73 -6.44 -33.54 3.60
C GLN K 73 -6.10 -32.75 4.85
N SER K 74 -5.09 -33.22 5.60
CA SER K 74 -4.64 -32.48 6.78
C SER K 74 -4.04 -31.14 6.39
N LEU K 75 -3.30 -31.09 5.28
CA LEU K 75 -2.79 -29.82 4.78
C LEU K 75 -3.92 -28.88 4.41
N ALA K 76 -4.97 -29.41 3.77
CA ALA K 76 -6.12 -28.59 3.40
C ALA K 76 -6.77 -27.97 4.63
N VAL K 77 -6.87 -28.74 5.71
CA VAL K 77 -7.43 -28.21 6.96
C VAL K 77 -6.56 -27.07 7.48
N LEU K 78 -5.24 -27.24 7.48
CA LEU K 78 -4.36 -26.19 7.98
C LEU K 78 -4.40 -24.96 7.09
N GLY K 79 -4.61 -25.14 5.78
CA GLY K 79 -4.76 -23.99 4.92
C GLY K 79 -5.99 -23.16 5.26
N ILE K 80 -7.10 -23.84 5.55
CA ILE K 80 -8.31 -23.13 5.97
C ILE K 80 -8.11 -22.52 7.36
N VAL K 81 -7.32 -23.18 8.21
CA VAL K 81 -6.97 -22.57 9.50
C VAL K 81 -6.19 -21.28 9.28
N ALA K 82 -5.21 -21.30 8.38
CA ALA K 82 -4.37 -20.12 8.16
C ALA K 82 -5.19 -18.95 7.63
N ILE K 83 -6.10 -19.21 6.68
CA ILE K 83 -6.91 -18.13 6.14
C ILE K 83 -7.88 -17.60 7.20
N GLY K 84 -8.37 -18.48 8.06
CA GLY K 84 -9.23 -18.03 9.14
C GLY K 84 -8.52 -17.09 10.10
N ILE K 85 -7.28 -17.44 10.47
CA ILE K 85 -6.51 -16.59 11.37
C ILE K 85 -6.14 -15.28 10.71
N SER K 86 -5.83 -15.30 9.41
CA SER K 86 -5.47 -14.07 8.71
C SER K 86 -6.63 -13.09 8.70
N TRP K 87 -7.85 -13.58 8.45
CA TRP K 87 -9.04 -12.74 8.64
C TRP K 87 -9.19 -12.32 10.10
N MET K 88 -8.88 -13.22 11.02
CA MET K 88 -9.14 -13.06 12.44
C MET K 88 -8.34 -11.92 13.05
N PHE K 89 -7.01 -12.00 12.96
CA PHE K 89 -6.12 -11.01 13.56
C PHE K 89 -5.60 -10.01 12.52
N GLY K 90 -6.23 -9.95 11.36
CA GLY K 90 -5.91 -8.95 10.36
C GLY K 90 -7.16 -8.25 9.90
N ARG K 91 -7.35 -8.13 8.59
CA ARG K 91 -8.59 -7.59 8.04
C ARG K 91 -9.01 -8.44 6.86
N ALA K 92 -10.30 -8.79 6.82
CA ALA K 92 -10.81 -9.71 5.82
C ALA K 92 -10.66 -9.16 4.41
N SER K 93 -10.37 -10.06 3.46
CA SER K 93 -10.22 -9.68 2.07
C SER K 93 -10.61 -10.86 1.20
N LEU K 94 -11.23 -10.57 0.05
CA LEU K 94 -11.65 -11.63 -0.87
C LEU K 94 -10.45 -12.23 -1.59
N GLY K 95 -9.41 -11.43 -1.82
CA GLY K 95 -8.24 -11.94 -2.54
C GLY K 95 -7.54 -13.06 -1.80
N LEU K 96 -7.41 -12.95 -0.48
CA LEU K 96 -6.66 -13.94 0.27
C LEU K 96 -7.39 -15.27 0.34
N VAL K 97 -8.71 -15.24 0.55
CA VAL K 97 -9.48 -16.49 0.57
C VAL K 97 -9.49 -17.13 -0.82
N ALA K 98 -9.53 -16.29 -1.87
CA ALA K 98 -9.46 -16.82 -3.22
C ALA K 98 -8.13 -17.52 -3.48
N GLY K 99 -7.04 -16.93 -2.99
CA GLY K 99 -5.73 -17.56 -3.18
C GLY K 99 -5.61 -18.89 -2.47
N VAL K 100 -6.05 -18.94 -1.20
CA VAL K 100 -5.91 -20.16 -0.41
C VAL K 100 -6.82 -21.25 -0.95
N VAL K 101 -8.09 -20.92 -1.21
CA VAL K 101 -9.03 -21.89 -1.74
C VAL K 101 -8.62 -22.34 -3.14
N GLY K 102 -8.19 -21.38 -3.97
CA GLY K 102 -7.70 -21.74 -5.30
C GLY K 102 -6.48 -22.63 -5.25
N GLY K 103 -5.58 -22.39 -4.29
CA GLY K 103 -4.43 -23.27 -4.14
C GLY K 103 -4.82 -24.69 -3.79
N ILE K 104 -5.82 -24.84 -2.91
CA ILE K 104 -6.30 -26.17 -2.56
C ILE K 104 -6.93 -26.85 -3.77
N VAL K 105 -7.73 -26.11 -4.54
CA VAL K 105 -8.36 -26.67 -5.72
C VAL K 105 -7.31 -27.10 -6.73
N ILE K 106 -6.30 -26.25 -6.95
CA ILE K 106 -5.24 -26.57 -7.90
C ILE K 106 -4.45 -27.79 -7.43
N MET K 107 -4.12 -27.84 -6.14
CA MET K 107 -3.22 -28.88 -5.64
C MET K 107 -3.88 -30.25 -5.68
N PHE K 108 -5.16 -30.35 -5.28
CA PHE K 108 -5.84 -31.62 -5.36
C PHE K 108 -6.30 -31.97 -6.77
N GLY K 109 -6.45 -30.98 -7.65
CA GLY K 109 -6.79 -31.24 -9.04
C GLY K 109 -5.60 -31.45 -9.94
N ALA K 110 -4.41 -31.68 -9.36
CA ALA K 110 -3.19 -31.73 -10.14
C ALA K 110 -3.21 -32.87 -11.16
N SER K 111 -3.70 -34.04 -10.76
CA SER K 111 -3.77 -35.16 -11.69
C SER K 111 -4.68 -34.84 -12.86
N PHE K 112 -5.85 -34.26 -12.58
CA PHE K 112 -6.82 -33.98 -13.64
C PHE K 112 -6.41 -32.77 -14.45
N LEU K 113 -5.82 -31.76 -13.80
CA LEU K 113 -5.27 -30.63 -14.53
C LEU K 113 -4.14 -31.05 -15.44
N GLY K 114 -3.30 -31.98 -14.97
CA GLY K 114 -2.24 -32.51 -15.82
C GLY K 114 -2.77 -33.32 -16.99
N LYS K 115 -3.84 -34.10 -16.76
CA LYS K 115 -4.44 -34.86 -17.85
C LYS K 115 -5.01 -33.93 -18.91
N THR K 116 -5.66 -32.84 -18.49
CA THR K 116 -6.17 -31.86 -19.47
C THR K 116 -5.04 -31.23 -20.26
N LEU K 117 -3.90 -30.96 -19.62
CA LEU K 117 -2.74 -30.45 -20.34
C LEU K 117 -2.12 -31.51 -21.24
N THR K 118 -2.46 -32.78 -21.02
CA THR K 118 -1.93 -33.90 -21.78
C THR K 118 -0.40 -33.95 -21.73
N GLY L 51 26.83 -30.65 -42.95
CA GLY L 51 26.12 -31.70 -42.24
C GLY L 51 24.61 -31.53 -42.29
N GLY L 52 24.05 -31.05 -41.19
CA GLY L 52 22.62 -30.83 -41.11
C GLY L 52 22.26 -29.50 -40.50
N GLY L 53 23.12 -28.50 -40.70
CA GLY L 53 22.89 -27.18 -40.15
C GLY L 53 21.90 -26.36 -40.94
N THR L 54 21.65 -25.15 -40.44
CA THR L 54 20.76 -24.20 -41.08
C THR L 54 21.14 -22.79 -40.65
N ASP L 55 20.50 -21.81 -41.26
CA ASP L 55 20.78 -20.42 -40.94
C ASP L 55 20.39 -20.13 -39.48
N PRO L 56 21.30 -19.56 -38.69
CA PRO L 56 20.88 -19.04 -37.38
C PRO L 56 19.78 -17.98 -37.49
N ALA L 57 19.84 -17.17 -38.54
CA ALA L 57 18.79 -16.17 -38.77
C ALA L 57 17.44 -16.84 -39.01
N THR L 58 17.43 -17.96 -39.74
CA THR L 58 16.19 -18.68 -39.96
C THR L 58 15.62 -19.21 -38.65
N MET L 59 16.47 -19.75 -37.78
CA MET L 59 15.99 -20.28 -36.50
C MET L 59 15.36 -19.19 -35.64
N VAL L 60 16.03 -18.04 -35.53
CA VAL L 60 15.47 -16.96 -34.73
C VAL L 60 14.19 -16.43 -35.36
N ASN L 61 14.15 -16.40 -36.70
CA ASN L 61 12.90 -16.10 -37.40
C ASN L 61 11.83 -17.14 -37.18
N ASN L 62 12.20 -18.42 -37.04
CA ASN L 62 11.23 -19.45 -36.71
C ASN L 62 10.63 -19.22 -35.34
N ILE L 63 11.45 -18.79 -34.37
CA ILE L 63 10.95 -18.48 -33.04
C ILE L 63 9.98 -17.31 -33.10
N CYS L 64 10.32 -16.29 -33.90
CA CYS L 64 9.40 -15.17 -34.09
C CYS L 64 8.10 -15.63 -34.74
N THR L 65 8.20 -16.53 -35.72
CA THR L 65 7.01 -17.06 -36.38
C THR L 65 6.14 -17.87 -35.41
N PHE L 66 6.77 -18.70 -34.59
CA PHE L 66 6.01 -19.58 -33.70
C PHE L 66 5.29 -18.80 -32.62
N ILE L 67 5.98 -17.85 -31.99
CA ILE L 67 5.40 -17.12 -30.87
C ILE L 67 4.26 -16.23 -31.35
N LEU L 68 4.35 -15.73 -32.59
CA LEU L 68 3.33 -14.84 -33.13
C LEU L 68 2.27 -15.58 -33.93
N GLY L 69 2.31 -16.91 -33.95
CA GLY L 69 1.33 -17.69 -34.66
C GLY L 69 0.15 -18.07 -33.79
N PRO L 70 -0.43 -19.25 -34.05
CA PRO L 70 -1.56 -19.70 -33.20
C PRO L 70 -1.21 -19.81 -31.73
N PHE L 71 0.05 -20.12 -31.42
CA PHE L 71 0.48 -20.19 -30.02
C PHE L 71 0.33 -18.85 -29.33
N GLY L 72 0.70 -17.77 -30.02
CA GLY L 72 0.51 -16.45 -29.45
C GLY L 72 -0.94 -16.07 -29.29
N GLN L 73 -1.79 -16.47 -30.23
CA GLN L 73 -3.22 -16.21 -30.11
C GLN L 73 -3.80 -16.89 -28.87
N SER L 74 -3.40 -18.14 -28.63
CA SER L 74 -3.85 -18.83 -27.44
C SER L 74 -3.31 -18.18 -26.17
N LEU L 75 -2.06 -17.70 -26.22
CA LEU L 75 -1.50 -16.97 -25.10
C LEU L 75 -2.29 -15.68 -24.86
N ALA L 76 -2.66 -14.99 -25.93
CA ALA L 76 -3.43 -13.75 -25.80
C ALA L 76 -4.77 -14.02 -25.11
N VAL L 77 -5.41 -15.14 -25.44
CA VAL L 77 -6.66 -15.50 -24.79
C VAL L 77 -6.44 -15.73 -23.30
N LEU L 78 -5.38 -16.44 -22.94
CA LEU L 78 -5.11 -16.71 -21.52
C LEU L 78 -4.76 -15.44 -20.78
N GLY L 79 -4.10 -14.48 -21.45
CA GLY L 79 -3.84 -13.20 -20.80
C GLY L 79 -5.11 -12.45 -20.47
N ILE L 80 -6.08 -12.47 -21.38
CA ILE L 80 -7.37 -11.84 -21.10
C ILE L 80 -8.13 -12.63 -20.03
N VAL L 81 -7.95 -13.96 -20.01
CA VAL L 81 -8.52 -14.75 -18.92
C VAL L 81 -7.93 -14.32 -17.58
N ALA L 82 -6.61 -14.15 -17.53
CA ALA L 82 -5.97 -13.81 -16.26
C ALA L 82 -6.43 -12.46 -15.75
N ILE L 83 -6.53 -11.46 -16.63
CA ILE L 83 -6.97 -10.14 -16.21
C ILE L 83 -8.44 -10.17 -15.77
N GLY L 84 -9.25 -11.01 -16.44
CA GLY L 84 -10.63 -11.14 -16.02
C GLY L 84 -10.77 -11.72 -14.63
N ILE L 85 -9.98 -12.74 -14.32
CA ILE L 85 -10.02 -13.35 -12.99
C ILE L 85 -9.47 -12.39 -11.93
N SER L 86 -8.45 -11.61 -12.26
CA SER L 86 -7.88 -10.66 -11.31
C SER L 86 -8.92 -9.62 -10.91
N TRP L 87 -9.66 -9.09 -11.88
CA TRP L 87 -10.81 -8.24 -11.57
C TRP L 87 -11.86 -9.01 -10.79
N MET L 88 -12.06 -10.27 -11.13
CA MET L 88 -13.15 -11.08 -10.62
C MET L 88 -13.03 -11.35 -9.12
N PHE L 89 -11.93 -11.97 -8.70
CA PHE L 89 -11.70 -12.33 -7.31
C PHE L 89 -10.79 -11.34 -6.60
N GLY L 90 -10.58 -10.16 -7.17
CA GLY L 90 -9.85 -9.10 -6.52
C GLY L 90 -10.64 -7.81 -6.56
N ARG L 91 -10.01 -6.71 -6.98
CA ARG L 91 -10.72 -5.46 -7.17
C ARG L 91 -10.22 -4.82 -8.46
N ALA L 92 -11.17 -4.35 -9.28
CA ALA L 92 -10.86 -3.84 -10.60
C ALA L 92 -9.95 -2.62 -10.54
N SER L 93 -9.04 -2.52 -11.52
CA SER L 93 -8.13 -1.41 -11.60
C SER L 93 -7.76 -1.17 -13.06
N LEU L 94 -7.59 0.10 -13.43
CA LEU L 94 -7.24 0.43 -14.80
C LEU L 94 -5.78 0.08 -15.10
N GLY L 95 -4.92 0.13 -14.08
CA GLY L 95 -3.51 -0.15 -14.31
C GLY L 95 -3.27 -1.58 -14.76
N LEU L 96 -3.98 -2.54 -14.16
CA LEU L 96 -3.72 -3.94 -14.46
C LEU L 96 -4.19 -4.30 -15.86
N VAL L 97 -5.35 -3.80 -16.29
CA VAL L 97 -5.82 -4.06 -17.66
C VAL L 97 -4.91 -3.38 -18.66
N ALA L 98 -4.40 -2.18 -18.32
CA ALA L 98 -3.46 -1.50 -19.20
C ALA L 98 -2.18 -2.30 -19.37
N GLY L 99 -1.68 -2.89 -18.28
CA GLY L 99 -0.47 -3.69 -18.38
C GLY L 99 -0.64 -4.93 -19.23
N VAL L 100 -1.75 -5.65 -19.01
CA VAL L 100 -1.98 -6.90 -19.75
C VAL L 100 -2.23 -6.61 -21.22
N VAL L 101 -3.11 -5.65 -21.51
CA VAL L 101 -3.42 -5.31 -22.90
C VAL L 101 -2.19 -4.72 -23.58
N GLY L 102 -1.47 -3.85 -22.88
CA GLY L 102 -0.23 -3.31 -23.43
C GLY L 102 0.81 -4.36 -23.71
N GLY L 103 0.90 -5.37 -22.83
CA GLY L 103 1.83 -6.47 -23.09
C GLY L 103 1.48 -7.24 -24.34
N ILE L 104 0.17 -7.47 -24.56
CA ILE L 104 -0.26 -8.17 -25.78
C ILE L 104 0.06 -7.32 -27.01
N VAL L 105 -0.18 -6.01 -26.94
CA VAL L 105 0.10 -5.13 -28.07
C VAL L 105 1.60 -5.12 -28.36
N ILE L 106 2.41 -5.03 -27.31
CA ILE L 106 3.86 -5.01 -27.49
C ILE L 106 4.35 -6.34 -28.07
N MET L 107 3.82 -7.46 -27.55
CA MET L 107 4.36 -8.76 -27.94
C MET L 107 4.03 -9.11 -29.38
N PHE L 108 2.79 -8.83 -29.82
CA PHE L 108 2.45 -9.07 -31.22
C PHE L 108 3.00 -8.00 -32.16
N GLY L 109 3.29 -6.81 -31.67
CA GLY L 109 3.89 -5.77 -32.47
C GLY L 109 5.40 -5.80 -32.50
N ALA L 110 6.02 -6.90 -32.05
CA ALA L 110 7.46 -6.94 -31.87
C ALA L 110 8.20 -6.76 -33.20
N SER L 111 7.71 -7.40 -34.26
CA SER L 111 8.35 -7.25 -35.57
C SER L 111 8.31 -5.81 -36.04
N PHE L 112 7.14 -5.17 -35.90
CA PHE L 112 6.99 -3.80 -36.38
C PHE L 112 7.66 -2.80 -35.46
N LEU L 113 7.61 -3.06 -34.14
CA LEU L 113 8.34 -2.22 -33.20
C LEU L 113 9.84 -2.33 -33.43
N GLY L 114 10.32 -3.53 -33.75
CA GLY L 114 11.73 -3.70 -34.07
C GLY L 114 12.12 -3.00 -35.36
N LYS L 115 11.24 -3.04 -36.36
CA LYS L 115 11.52 -2.33 -37.62
C LYS L 115 11.61 -0.84 -37.40
N THR L 116 10.71 -0.28 -36.57
CA THR L 116 10.78 1.15 -36.26
C THR L 116 12.08 1.50 -35.54
N LEU L 117 12.55 0.62 -34.65
CA LEU L 117 13.83 0.84 -34.01
C LEU L 117 14.99 0.66 -34.97
N THR L 118 14.74 0.04 -36.13
CA THR L 118 15.76 -0.23 -37.14
C THR L 118 16.94 -1.03 -36.56
N GLY M 51 50.82 2.86 -30.23
CA GLY M 51 49.95 2.16 -31.17
C GLY M 51 48.78 3.00 -31.63
N GLY M 52 47.61 2.72 -31.07
CA GLY M 52 46.41 3.46 -31.41
C GLY M 52 45.59 3.85 -30.20
N GLY M 53 46.27 4.09 -29.07
CA GLY M 53 45.60 4.45 -27.84
C GLY M 53 45.20 5.91 -27.79
N THR M 54 44.56 6.27 -26.68
CA THR M 54 44.13 7.64 -26.43
C THR M 54 44.00 7.84 -24.93
N ASP M 55 43.75 9.08 -24.54
CA ASP M 55 43.60 9.40 -23.13
C ASP M 55 42.39 8.69 -22.54
N PRO M 56 42.55 7.96 -21.43
CA PRO M 56 41.35 7.47 -20.72
C PRO M 56 40.44 8.60 -20.26
N ALA M 57 41.02 9.75 -19.91
CA ALA M 57 40.21 10.90 -19.53
C ALA M 57 39.38 11.40 -20.70
N THR M 58 39.95 11.37 -21.91
CA THR M 58 39.19 11.76 -23.09
C THR M 58 38.01 10.83 -23.34
N MET M 59 38.22 9.53 -23.17
CA MET M 59 37.13 8.57 -23.38
C MET M 59 35.99 8.79 -22.41
N VAL M 60 36.31 8.97 -21.13
CA VAL M 60 35.25 9.19 -20.14
C VAL M 60 34.57 10.53 -20.41
N ASN M 61 35.34 11.53 -20.84
CA ASN M 61 34.75 12.79 -21.29
C ASN M 61 33.90 12.63 -22.54
N ASN M 62 34.26 11.71 -23.44
CA ASN M 62 33.42 11.42 -24.59
C ASN M 62 32.08 10.83 -24.17
N ILE M 63 32.10 9.95 -23.16
CA ILE M 63 30.85 9.39 -22.65
C ILE M 63 29.99 10.48 -22.04
N CYS M 64 30.61 11.40 -21.30
CA CYS M 64 29.88 12.54 -20.75
C CYS M 64 29.30 13.40 -21.87
N THR M 65 30.09 13.62 -22.93
CA THR M 65 29.61 14.40 -24.07
C THR M 65 28.44 13.71 -24.78
N PHE M 66 28.53 12.41 -24.98
CA PHE M 66 27.51 11.70 -25.74
C PHE M 66 26.19 11.65 -24.98
N ILE M 67 26.24 11.33 -23.69
CA ILE M 67 25.01 11.17 -22.91
C ILE M 67 24.31 12.51 -22.75
N LEU M 68 25.06 13.60 -22.69
CA LEU M 68 24.49 14.93 -22.51
C LEU M 68 24.23 15.65 -23.83
N GLY M 69 24.43 14.98 -24.96
CA GLY M 69 24.18 15.58 -26.25
C GLY M 69 22.78 15.34 -26.74
N PRO M 70 22.61 15.20 -28.06
CA PRO M 70 21.27 14.91 -28.60
C PRO M 70 20.66 13.63 -28.07
N PHE M 71 21.50 12.64 -27.75
CA PHE M 71 21.00 11.39 -27.18
C PHE M 71 20.30 11.63 -25.85
N GLY M 72 20.88 12.49 -25.01
CA GLY M 72 20.23 12.82 -23.74
C GLY M 72 18.94 13.60 -23.93
N GLN M 73 18.90 14.48 -24.93
CA GLN M 73 17.67 15.21 -25.22
C GLN M 73 16.55 14.26 -25.61
N SER M 74 16.87 13.28 -26.46
CA SER M 74 15.87 12.28 -26.83
C SER M 74 15.45 11.44 -25.63
N LEU M 75 16.40 11.10 -24.76
CA LEU M 75 16.07 10.39 -23.53
C LEU M 75 15.15 11.23 -22.65
N ALA M 76 15.43 12.54 -22.56
CA ALA M 76 14.59 13.42 -21.76
C ALA M 76 13.16 13.44 -22.28
N VAL M 77 13.00 13.43 -23.60
CA VAL M 77 11.65 13.38 -24.18
C VAL M 77 10.95 12.09 -23.78
N LEU M 78 11.65 10.95 -23.87
CA LEU M 78 11.03 9.68 -23.53
C LEU M 78 10.71 9.60 -22.04
N GLY M 79 11.51 10.24 -21.20
CA GLY M 79 11.18 10.29 -19.78
C GLY M 79 9.89 11.03 -19.51
N ILE M 80 9.68 12.15 -20.21
CA ILE M 80 8.42 12.88 -20.08
C ILE M 80 7.27 12.08 -20.69
N VAL M 81 7.56 11.31 -21.75
CA VAL M 81 6.54 10.41 -22.29
C VAL M 81 6.14 9.37 -21.25
N ALA M 82 7.12 8.78 -20.58
CA ALA M 82 6.83 7.73 -19.61
C ALA M 82 5.99 8.25 -18.45
N ILE M 83 6.32 9.44 -17.93
CA ILE M 83 5.56 10.00 -16.83
C ILE M 83 4.15 10.37 -17.29
N GLY M 84 4.01 10.82 -18.53
CA GLY M 84 2.69 11.12 -19.05
C GLY M 84 1.80 9.90 -19.12
N ILE M 85 2.37 8.79 -19.60
CA ILE M 85 1.60 7.54 -19.69
C ILE M 85 1.27 7.00 -18.31
N SER M 86 2.19 7.13 -17.35
CA SER M 86 1.93 6.64 -16.00
C SER M 86 0.76 7.37 -15.36
N TRP M 87 0.70 8.70 -15.53
CA TRP M 87 -0.50 9.45 -15.14
C TRP M 87 -1.71 9.00 -15.94
N MET M 88 -1.50 8.72 -17.23
CA MET M 88 -2.58 8.46 -18.18
C MET M 88 -3.35 7.20 -17.86
N PHE M 89 -2.66 6.05 -17.82
CA PHE M 89 -3.29 4.76 -17.58
C PHE M 89 -3.12 4.29 -16.13
N GLY M 90 -2.75 5.20 -15.23
CA GLY M 90 -2.70 4.91 -13.81
C GLY M 90 -3.45 5.96 -13.03
N ARG M 91 -2.84 6.50 -11.99
CA ARG M 91 -3.42 7.61 -11.24
C ARG M 91 -2.33 8.62 -10.94
N ALA M 92 -2.64 9.90 -11.17
CA ALA M 92 -1.65 10.96 -11.06
C ALA M 92 -1.13 11.08 -9.64
N SER M 93 0.17 11.40 -9.53
CA SER M 93 0.81 11.58 -8.23
C SER M 93 1.95 12.58 -8.38
N LEU M 94 2.16 13.39 -7.35
CA LEU M 94 3.23 14.38 -7.39
C LEU M 94 4.60 13.72 -7.22
N GLY M 95 4.64 12.59 -6.49
CA GLY M 95 5.93 11.94 -6.27
C GLY M 95 6.56 11.43 -7.55
N LEU M 96 5.76 10.86 -8.45
CA LEU M 96 6.31 10.26 -9.66
C LEU M 96 6.84 11.33 -10.62
N VAL M 97 6.12 12.44 -10.77
CA VAL M 97 6.61 13.51 -11.65
C VAL M 97 7.86 14.15 -11.04
N ALA M 98 7.91 14.25 -9.71
CA ALA M 98 9.09 14.77 -9.04
C ALA M 98 10.30 13.88 -9.29
N GLY M 99 10.10 12.57 -9.23
CA GLY M 99 11.21 11.65 -9.49
C GLY M 99 11.74 11.73 -10.90
N VAL M 100 10.83 11.75 -11.88
CA VAL M 100 11.24 11.77 -13.28
C VAL M 100 11.91 13.10 -13.63
N VAL M 101 11.27 14.21 -13.24
CA VAL M 101 11.83 15.52 -13.53
C VAL M 101 13.14 15.72 -12.78
N GLY M 102 13.18 15.31 -11.51
CA GLY M 102 14.42 15.38 -10.75
C GLY M 102 15.53 14.55 -11.35
N GLY M 103 15.19 13.38 -11.89
CA GLY M 103 16.21 12.57 -12.56
C GLY M 103 16.78 13.26 -13.78
N ILE M 104 15.92 13.93 -14.55
CA ILE M 104 16.40 14.67 -15.72
C ILE M 104 17.30 15.83 -15.28
N VAL M 105 16.91 16.54 -14.23
CA VAL M 105 17.71 17.66 -13.74
C VAL M 105 19.06 17.16 -13.24
N ILE M 106 19.05 16.06 -12.50
CA ILE M 106 20.30 15.50 -11.98
C ILE M 106 21.20 15.02 -13.12
N MET M 107 20.60 14.34 -14.11
CA MET M 107 21.41 13.71 -15.15
C MET M 107 22.07 14.74 -16.06
N PHE M 108 21.34 15.80 -16.45
CA PHE M 108 21.94 16.85 -17.26
C PHE M 108 22.81 17.79 -16.44
N GLY M 109 22.60 17.89 -15.14
CA GLY M 109 23.44 18.70 -14.28
C GLY M 109 24.64 17.98 -13.73
N ALA M 110 24.98 16.81 -14.28
CA ALA M 110 26.02 15.97 -13.70
C ALA M 110 27.38 16.66 -13.71
N SER M 111 27.71 17.35 -14.80
CA SER M 111 28.99 18.05 -14.86
C SER M 111 29.07 19.13 -13.79
N PHE M 112 27.99 19.91 -13.64
CA PHE M 112 28.00 21.02 -12.69
C PHE M 112 27.85 20.53 -11.26
N LEU M 113 27.04 19.47 -11.07
CA LEU M 113 26.95 18.85 -9.74
C LEU M 113 28.28 18.25 -9.33
N GLY M 114 28.99 17.65 -10.29
CA GLY M 114 30.32 17.12 -9.98
C GLY M 114 31.32 18.21 -9.67
N LYS M 115 31.24 19.34 -10.37
CA LYS M 115 32.13 20.46 -10.09
C LYS M 115 31.89 21.01 -8.69
N THR M 116 30.62 21.12 -8.29
CA THR M 116 30.32 21.57 -6.93
C THR M 116 30.86 20.60 -5.88
N LEU M 117 30.79 19.30 -6.16
CA LEU M 117 31.38 18.32 -5.25
C LEU M 117 32.91 18.38 -5.27
N THR M 118 33.49 19.02 -6.29
CA THR M 118 34.93 19.13 -6.47
C THR M 118 35.60 17.75 -6.50
N GLY N 51 57.93 -1.17 12.11
CA GLY N 51 57.91 -0.41 10.86
C GLY N 51 57.16 0.90 10.97
N GLY N 52 55.93 0.92 10.46
CA GLY N 52 55.11 2.11 10.52
C GLY N 52 53.69 1.82 10.95
N GLY N 53 53.51 0.80 11.79
CA GLY N 53 52.20 0.42 12.25
C GLY N 53 51.67 1.29 13.37
N THR N 54 50.45 0.98 13.80
CA THR N 54 49.80 1.69 14.89
C THR N 54 48.76 0.77 15.51
N ASP N 55 48.17 1.22 16.61
CA ASP N 55 47.17 0.44 17.31
C ASP N 55 45.94 0.23 16.40
N PRO N 56 45.48 -1.00 16.22
CA PRO N 56 44.17 -1.19 15.58
C PRO N 56 43.04 -0.51 16.34
N ALA N 57 43.14 -0.48 17.66
CA ALA N 57 42.15 0.22 18.48
C ALA N 57 42.14 1.70 18.18
N THR N 58 43.32 2.29 17.98
CA THR N 58 43.40 3.70 17.63
C THR N 58 42.72 3.98 16.29
N MET N 59 42.95 3.12 15.30
CA MET N 59 42.34 3.32 13.98
C MET N 59 40.82 3.27 14.06
N VAL N 60 40.27 2.27 14.76
CA VAL N 60 38.82 2.18 14.87
C VAL N 60 38.28 3.37 15.66
N ASN N 61 39.03 3.82 16.67
CA ASN N 61 38.69 5.04 17.39
C ASN N 61 38.79 6.28 16.50
N ASN N 62 39.73 6.30 15.55
CA ASN N 62 39.81 7.39 14.59
C ASN N 62 38.57 7.43 13.71
N ILE N 63 38.08 6.26 13.30
CA ILE N 63 36.85 6.21 12.49
C ILE N 63 35.68 6.73 13.30
N CYS N 64 35.61 6.35 14.58
CA CYS N 64 34.56 6.87 15.46
C CYS N 64 34.69 8.39 15.61
N THR N 65 35.92 8.88 15.73
CA THR N 65 36.14 10.33 15.84
C THR N 65 35.73 11.06 14.56
N PHE N 66 36.08 10.50 13.41
CA PHE N 66 35.82 11.19 12.14
C PHE N 66 34.33 11.25 11.84
N ILE N 67 33.62 10.14 12.03
CA ILE N 67 32.21 10.09 11.67
C ILE N 67 31.39 10.98 12.59
N LEU N 68 31.83 11.12 13.84
CA LEU N 68 31.10 11.92 14.82
C LEU N 68 31.61 13.35 14.91
N GLY N 69 32.53 13.74 14.03
CA GLY N 69 33.05 15.09 14.02
C GLY N 69 32.27 16.00 13.10
N PRO N 70 32.96 16.97 12.47
CA PRO N 70 32.27 17.86 11.53
C PRO N 70 31.62 17.13 10.35
N PHE N 71 32.20 16.00 9.95
CA PHE N 71 31.62 15.20 8.87
C PHE N 71 30.23 14.70 9.25
N GLY N 72 30.07 14.25 10.49
CA GLY N 72 28.76 13.81 10.95
C GLY N 72 27.77 14.96 11.05
N GLN N 73 28.23 16.13 11.46
CA GLN N 73 27.35 17.30 11.51
C GLN N 73 26.82 17.64 10.13
N SER N 74 27.70 17.61 9.12
CA SER N 74 27.26 17.87 7.75
C SER N 74 26.31 16.78 7.27
N LEU N 75 26.57 15.53 7.64
CA LEU N 75 25.65 14.45 7.32
C LEU N 75 24.29 14.67 7.98
N ALA N 76 24.29 15.12 9.23
CA ALA N 76 23.04 15.38 9.93
C ALA N 76 22.23 16.46 9.22
N VAL N 77 22.90 17.48 8.70
CA VAL N 77 22.21 18.53 7.95
C VAL N 77 21.57 17.93 6.70
N LEU N 78 22.31 17.09 5.97
CA LEU N 78 21.77 16.50 4.75
C LEU N 78 20.62 15.54 5.05
N GLY N 79 20.67 14.87 6.19
CA GLY N 79 19.54 14.04 6.58
C GLY N 79 18.28 14.83 6.80
N ILE N 80 18.40 15.99 7.45
CA ILE N 80 17.24 16.87 7.63
C ILE N 80 16.80 17.46 6.29
N VAL N 81 17.77 17.71 5.40
CA VAL N 81 17.41 18.14 4.04
C VAL N 81 16.58 17.06 3.34
N ALA N 82 17.02 15.81 3.45
CA ALA N 82 16.32 14.73 2.75
C ALA N 82 14.90 14.56 3.26
N ILE N 83 14.71 14.61 4.58
CA ILE N 83 13.37 14.46 5.14
C ILE N 83 12.49 15.65 4.75
N GLY N 84 13.08 16.84 4.67
CA GLY N 84 12.32 18.00 4.24
C GLY N 84 11.82 17.87 2.82
N ILE N 85 12.68 17.39 1.92
CA ILE N 85 12.29 17.20 0.52
C ILE N 85 11.26 16.09 0.40
N SER N 86 11.38 15.03 1.18
CA SER N 86 10.42 13.93 1.12
C SER N 86 9.02 14.40 1.50
N TRP N 87 8.92 15.21 2.56
CA TRP N 87 7.65 15.88 2.87
C TRP N 87 7.24 16.81 1.74
N MET N 88 8.21 17.50 1.15
CA MET N 88 7.97 18.58 0.20
C MET N 88 7.33 18.09 -1.09
N PHE N 89 7.98 17.16 -1.79
CA PHE N 89 7.49 16.64 -3.06
C PHE N 89 6.81 15.29 -2.91
N GLY N 90 6.44 14.91 -1.68
CA GLY N 90 5.66 13.71 -1.44
C GLY N 90 4.47 14.03 -0.57
N ARG N 91 4.25 13.25 0.49
CA ARG N 91 3.21 13.55 1.45
C ARG N 91 3.76 13.31 2.85
N ALA N 92 3.50 14.26 3.75
CA ALA N 92 4.09 14.24 5.08
C ALA N 92 3.62 13.02 5.87
N SER N 93 4.54 12.47 6.68
CA SER N 93 4.23 11.33 7.51
C SER N 93 5.10 11.38 8.76
N LEU N 94 4.54 10.93 9.89
CA LEU N 94 5.29 10.94 11.14
C LEU N 94 6.34 9.83 11.16
N GLY N 95 6.08 8.73 10.46
CA GLY N 95 7.03 7.62 10.46
C GLY N 95 8.36 7.99 9.84
N LEU N 96 8.34 8.75 8.75
CA LEU N 96 9.58 9.06 8.04
C LEU N 96 10.46 10.02 8.85
N VAL N 97 9.85 11.03 9.47
CA VAL N 97 10.63 11.96 10.29
C VAL N 97 11.17 11.24 11.53
N ALA N 98 10.38 10.31 12.07
CA ALA N 98 10.86 9.52 13.21
C ALA N 98 12.06 8.67 12.82
N GLY N 99 12.03 8.08 11.64
CA GLY N 99 13.16 7.26 11.19
C GLY N 99 14.43 8.08 11.00
N VAL N 100 14.30 9.22 10.33
CA VAL N 100 15.48 10.05 10.04
C VAL N 100 16.04 10.64 11.33
N VAL N 101 15.18 11.23 12.17
CA VAL N 101 15.64 11.82 13.42
C VAL N 101 16.18 10.75 14.34
N GLY N 102 15.49 9.60 14.42
CA GLY N 102 16.00 8.50 15.22
C GLY N 102 17.34 7.98 14.75
N GLY N 103 17.55 7.94 13.43
CA GLY N 103 18.84 7.54 12.90
C GLY N 103 19.95 8.49 13.31
N ILE N 104 19.67 9.80 13.29
CA ILE N 104 20.66 10.78 13.73
C ILE N 104 20.96 10.60 15.21
N VAL N 105 19.93 10.40 16.02
CA VAL N 105 20.13 10.21 17.46
C VAL N 105 20.95 8.95 17.73
N ILE N 106 20.62 7.87 17.02
CA ILE N 106 21.36 6.61 17.20
C ILE N 106 22.81 6.77 16.75
N MET N 107 23.03 7.43 15.62
CA MET N 107 24.37 7.48 15.04
C MET N 107 25.31 8.33 15.88
N PHE N 108 24.85 9.49 16.37
CA PHE N 108 25.69 10.31 17.24
C PHE N 108 25.76 9.78 18.66
N GLY N 109 24.79 8.98 19.09
CA GLY N 109 24.84 8.36 20.40
C GLY N 109 25.53 7.03 20.44
N ALA N 110 26.27 6.68 19.38
CA ALA N 110 26.84 5.35 19.25
C ALA N 110 27.83 5.04 20.37
N SER N 111 28.68 6.01 20.73
CA SER N 111 29.63 5.79 21.82
C SER N 111 28.91 5.52 23.12
N PHE N 112 27.88 6.32 23.42
CA PHE N 112 27.18 6.18 24.70
C PHE N 112 26.26 4.97 24.69
N LEU N 113 25.63 4.70 23.55
CA LEU N 113 24.83 3.48 23.41
C LEU N 113 25.70 2.25 23.55
N GLY N 114 26.91 2.29 22.99
CA GLY N 114 27.83 1.17 23.16
C GLY N 114 28.29 1.00 24.59
N LYS N 115 28.53 2.12 25.29
CA LYS N 115 28.92 2.04 26.70
C LYS N 115 27.82 1.42 27.54
N THR N 116 26.56 1.79 27.27
CA THR N 116 25.44 1.19 28.00
C THR N 116 25.35 -0.32 27.72
N LEU N 117 25.63 -0.73 26.49
CA LEU N 117 25.66 -2.16 26.18
C LEU N 117 26.86 -2.85 26.81
N THR N 118 27.85 -2.07 27.25
CA THR N 118 29.09 -2.58 27.84
C THR N 118 29.80 -3.56 26.92
N GLY O 51 38.36 -37.15 25.56
CA GLY O 51 38.99 -35.87 25.78
C GLY O 51 38.18 -34.94 26.65
N GLY O 52 37.52 -33.97 26.02
CA GLY O 52 36.70 -33.02 26.74
C GLY O 52 35.36 -32.79 26.08
N GLY O 53 34.83 -33.82 25.42
CA GLY O 53 33.57 -33.71 24.73
C GLY O 53 32.37 -33.83 25.65
N THR O 54 31.19 -33.71 25.05
CA THR O 54 29.93 -33.83 25.77
C THR O 54 28.84 -34.24 24.79
N ASP O 55 27.66 -34.53 25.32
CA ASP O 55 26.54 -34.93 24.48
C ASP O 55 26.16 -33.79 23.53
N PRO O 56 26.05 -34.06 22.22
CA PRO O 56 25.43 -33.06 21.34
C PRO O 56 24.00 -32.73 21.75
N ALA O 57 23.27 -33.72 22.25
CA ALA O 57 21.91 -33.48 22.73
C ALA O 57 21.90 -32.52 23.91
N THR O 58 22.89 -32.65 24.80
CA THR O 58 22.99 -31.73 25.93
C THR O 58 23.24 -30.30 25.46
N MET O 59 24.12 -30.12 24.47
CA MET O 59 24.41 -28.79 23.97
C MET O 59 23.18 -28.14 23.36
N VAL O 60 22.44 -28.87 22.53
CA VAL O 60 21.25 -28.30 21.93
C VAL O 60 20.20 -28.02 23.00
N ASN O 61 20.12 -28.89 24.01
CA ASN O 61 19.28 -28.63 25.17
C ASN O 61 19.75 -27.41 25.97
N ASN O 62 21.06 -27.17 26.04
CA ASN O 62 21.57 -25.97 26.69
C ASN O 62 21.13 -24.72 25.94
N ILE O 63 21.12 -24.78 24.61
CA ILE O 63 20.65 -23.64 23.82
C ILE O 63 19.18 -23.39 24.08
N CYS O 64 18.40 -24.47 24.16
CA CYS O 64 16.98 -24.34 24.50
C CYS O 64 16.81 -23.74 25.89
N THR O 65 17.64 -24.18 26.84
CA THR O 65 17.57 -23.66 28.20
C THR O 65 17.94 -22.17 28.25
N PHE O 66 18.98 -21.78 27.51
CA PHE O 66 19.45 -20.40 27.58
C PHE O 66 18.46 -19.44 26.96
N ILE O 67 17.93 -19.78 25.79
CA ILE O 67 17.04 -18.87 25.08
C ILE O 67 15.73 -18.71 25.83
N LEU O 68 15.30 -19.74 26.54
CA LEU O 68 14.03 -19.71 27.27
C LEU O 68 14.21 -19.29 28.73
N GLY O 69 15.42 -18.91 29.13
CA GLY O 69 15.68 -18.48 30.48
C GLY O 69 15.52 -16.98 30.65
N PRO O 70 16.31 -16.39 31.54
CA PRO O 70 16.24 -14.92 31.72
C PRO O 70 16.53 -14.14 30.46
N PHE O 71 17.37 -14.68 29.57
CA PHE O 71 17.65 -14.03 28.31
C PHE O 71 16.39 -13.88 27.46
N GLY O 72 15.57 -14.93 27.43
CA GLY O 72 14.31 -14.85 26.70
C GLY O 72 13.33 -13.88 27.32
N GLN O 73 13.31 -13.80 28.66
CA GLN O 73 12.44 -12.84 29.33
C GLN O 73 12.83 -11.41 28.96
N SER O 74 14.14 -11.12 28.94
CA SER O 74 14.59 -9.80 28.53
C SER O 74 14.26 -9.53 27.06
N LEU O 75 14.39 -10.55 26.21
CA LEU O 75 13.99 -10.41 24.82
C LEU O 75 12.50 -10.11 24.70
N ALA O 76 11.68 -10.81 25.51
CA ALA O 76 10.25 -10.58 25.48
C ALA O 76 9.91 -9.14 25.85
N VAL O 77 10.63 -8.58 26.82
CA VAL O 77 10.42 -7.18 27.19
C VAL O 77 10.75 -6.27 26.02
N LEU O 78 11.87 -6.52 25.34
CA LEU O 78 12.25 -5.67 24.21
C LEU O 78 11.29 -5.81 23.06
N GLY O 79 10.70 -7.00 22.87
CA GLY O 79 9.69 -7.15 21.85
C GLY O 79 8.46 -6.30 22.10
N ILE O 80 8.03 -6.25 23.37
CA ILE O 80 6.90 -5.39 23.73
C ILE O 80 7.30 -3.92 23.62
N VAL O 81 8.57 -3.61 23.92
CA VAL O 81 9.05 -2.25 23.69
C VAL O 81 8.96 -1.88 22.21
N ALA O 82 9.39 -2.79 21.34
CA ALA O 82 9.40 -2.49 19.91
C ALA O 82 7.99 -2.26 19.38
N ILE O 83 7.03 -3.10 19.79
CA ILE O 83 5.66 -2.93 19.32
C ILE O 83 5.06 -1.63 19.88
N GLY O 84 5.43 -1.27 21.10
CA GLY O 84 4.95 -0.02 21.67
C GLY O 84 5.43 1.18 20.88
N ILE O 85 6.72 1.18 20.50
CA ILE O 85 7.27 2.29 19.73
C ILE O 85 6.67 2.32 18.32
N SER O 86 6.42 1.16 17.72
CA SER O 86 5.84 1.12 16.38
C SER O 86 4.46 1.76 16.38
N TRP O 87 3.63 1.44 17.38
CA TRP O 87 2.37 2.16 17.56
C TRP O 87 2.61 3.64 17.83
N MET O 88 3.65 3.93 18.60
CA MET O 88 3.92 5.28 19.12
C MET O 88 4.24 6.27 18.02
N PHE O 89 5.29 6.00 17.24
CA PHE O 89 5.74 6.89 16.18
C PHE O 89 5.28 6.45 14.81
N GLY O 90 4.29 5.54 14.75
CA GLY O 90 3.68 5.16 13.50
C GLY O 90 2.18 5.26 13.59
N ARG O 91 1.46 4.21 13.19
CA ARG O 91 0.02 4.16 13.38
C ARG O 91 -0.37 2.77 13.84
N ALA O 92 -1.23 2.71 14.86
CA ALA O 92 -1.57 1.46 15.51
C ALA O 92 -2.27 0.50 14.55
N SER O 93 -1.98 -0.79 14.70
CA SER O 93 -2.59 -1.82 13.87
C SER O 93 -2.66 -3.11 14.68
N LEU O 94 -3.73 -3.87 14.46
CA LEU O 94 -3.91 -5.13 15.16
C LEU O 94 -2.96 -6.21 14.63
N GLY O 95 -2.61 -6.12 13.35
CA GLY O 95 -1.73 -7.13 12.77
C GLY O 95 -0.36 -7.15 13.40
N LEU O 96 0.21 -5.97 13.68
CA LEU O 96 1.57 -5.90 14.19
C LEU O 96 1.65 -6.42 15.62
N VAL O 97 0.68 -6.07 16.46
CA VAL O 97 0.68 -6.58 17.84
C VAL O 97 0.45 -8.09 17.84
N ALA O 98 -0.39 -8.57 16.92
CA ALA O 98 -0.61 -10.01 16.80
C ALA O 98 0.67 -10.74 16.42
N GLY O 99 1.43 -10.16 15.49
CA GLY O 99 2.69 -10.80 15.10
C GLY O 99 3.71 -10.85 16.21
N VAL O 100 3.87 -9.73 16.93
CA VAL O 100 4.87 -9.68 17.99
C VAL O 100 4.47 -10.58 19.16
N VAL O 101 3.22 -10.48 19.60
CA VAL O 101 2.74 -11.31 20.71
C VAL O 101 2.74 -12.77 20.30
N GLY O 102 2.28 -13.08 19.08
CA GLY O 102 2.33 -14.45 18.60
C GLY O 102 3.74 -15.00 18.51
N GLY O 103 4.70 -14.17 18.12
CA GLY O 103 6.09 -14.61 18.10
C GLY O 103 6.60 -14.97 19.48
N ILE O 104 6.23 -14.16 20.49
CA ILE O 104 6.63 -14.47 21.86
C ILE O 104 5.99 -15.77 22.33
N VAL O 105 4.71 -15.97 22.02
CA VAL O 105 4.02 -17.19 22.42
C VAL O 105 4.66 -18.40 21.75
N ILE O 106 4.95 -18.28 20.45
CA ILE O 106 5.57 -19.38 19.73
C ILE O 106 6.96 -19.69 20.27
N MET O 107 7.75 -18.63 20.55
CA MET O 107 9.15 -18.84 20.92
C MET O 107 9.28 -19.48 22.30
N PHE O 108 8.47 -19.03 23.27
CA PHE O 108 8.51 -19.65 24.59
C PHE O 108 7.77 -20.98 24.64
N GLY O 109 6.84 -21.23 23.73
CA GLY O 109 6.15 -22.50 23.65
C GLY O 109 6.84 -23.53 22.79
N ALA O 110 8.11 -23.28 22.42
CA ALA O 110 8.79 -24.13 21.45
C ALA O 110 8.93 -25.57 21.95
N SER O 111 9.26 -25.75 23.23
CA SER O 111 9.38 -27.10 23.77
C SER O 111 8.05 -27.84 23.70
N PHE O 112 6.97 -27.16 24.08
CA PHE O 112 5.66 -27.81 24.12
C PHE O 112 5.08 -27.96 22.72
N LEU O 113 5.32 -26.96 21.85
CA LEU O 113 4.91 -27.10 20.45
C LEU O 113 5.66 -28.22 19.77
N GLY O 114 6.95 -28.39 20.10
CA GLY O 114 7.71 -29.50 19.55
C GLY O 114 7.22 -30.84 20.07
N LYS O 115 6.85 -30.91 21.35
CA LYS O 115 6.32 -32.15 21.90
C LYS O 115 5.01 -32.54 21.22
N THR O 116 4.14 -31.56 20.96
CA THR O 116 2.89 -31.85 20.25
C THR O 116 3.17 -32.35 18.83
N LEU O 117 4.18 -31.80 18.17
CA LEU O 117 4.56 -32.30 16.85
C LEU O 117 5.21 -33.68 16.95
N THR O 118 5.64 -34.09 18.14
CA THR O 118 6.30 -35.36 18.37
C THR O 118 7.55 -35.52 17.50
#